data_9J2M
#
_entry.id   9J2M
#
_cell.length_a   82.674
_cell.length_b   91.364
_cell.length_c   113.116
_cell.angle_alpha   90.00
_cell.angle_beta   90.00
_cell.angle_gamma   90.00
#
_symmetry.space_group_name_H-M   'P 21 21 21'
#
loop_
_entity.id
_entity.type
_entity.pdbx_description
1 polymer SnPolE
2 non-polymer 'FE (II) ION'
3 non-polymer 5,6,7,8-TETRAHYDROBIOPTERIN
4 water water
#
_entity_poly.entity_id   1
_entity_poly.type   'polypeptide(L)'
_entity_poly.pdbx_seq_one_letter_code
;MPNSPTAAVIAEVDELREKIKGSRNSFRDQSFLDQLAQHIADAPHLGRQPIARALVEDLRGYASEPRLAAVKAHINEERD
QHIFSLFDASYFPSLSLEYLTYETLPTNPHLAARYASPTMPVNIIASSKGFQSRVVVALFPENHIDGIQRGDDLIFYFIN
KFVERHNRITRKMIDAVMAEGSFPLLRGADDRTVEQASSWWVRLHEYHHRQGDMPIPEFLRYKKLKPLAGLEELRVDVSG
MLVCLNDPELPADEARLAYEYILSERLLRYAVEGIPRPNYDAVASQLLFNYLSEHGGIELHGGVIRLCPELPAVLTEFLD
RIQRIEQRIHTTSAEEVQQNLLEFTNRYTDYDPDAKDYRHIPFFAEIKERLGV
;
_entity_poly.pdbx_strand_id   A,B
#
loop_
_chem_comp.id
_chem_comp.type
_chem_comp.name
_chem_comp.formula
FE2 non-polymer 'FE (II) ION' 'Fe 2'
H4B non-polymer 5,6,7,8-TETRAHYDROBIOPTERIN 'C9 H15 N5 O3'
#
# COMPACT_ATOMS: atom_id res chain seq x y z
N SER A 4 -11.30 -37.49 6.32
CA SER A 4 -9.96 -37.47 5.73
C SER A 4 -8.89 -37.55 6.81
N PRO A 5 -7.92 -38.45 6.62
CA PRO A 5 -6.82 -38.53 7.60
C PRO A 5 -5.98 -37.27 7.64
N THR A 6 -5.83 -36.58 6.50
CA THR A 6 -5.09 -35.33 6.48
C THR A 6 -5.88 -34.20 7.13
N ALA A 7 -7.21 -34.26 7.08
CA ALA A 7 -8.01 -33.24 7.77
C ALA A 7 -7.86 -33.35 9.28
N ALA A 8 -7.72 -34.58 9.79
CA ALA A 8 -7.48 -34.75 11.23
C ALA A 8 -6.11 -34.23 11.62
N VAL A 9 -5.11 -34.43 10.76
CA VAL A 9 -3.77 -33.91 11.04
C VAL A 9 -3.80 -32.37 11.08
N ILE A 10 -4.41 -31.77 10.06
CA ILE A 10 -4.42 -30.31 9.98
C ILE A 10 -5.19 -29.72 11.16
N ALA A 11 -6.28 -30.39 11.58
CA ALA A 11 -7.03 -29.89 12.72
C ALA A 11 -6.16 -29.83 13.98
N GLU A 12 -5.34 -30.85 14.19
CA GLU A 12 -4.43 -30.82 15.34
C GLU A 12 -3.42 -29.70 15.20
N VAL A 13 -2.86 -29.51 14.00
CA VAL A 13 -1.92 -28.41 13.79
C VAL A 13 -2.60 -27.08 14.04
N ASP A 14 -3.81 -26.92 13.51
CA ASP A 14 -4.53 -25.65 13.68
C ASP A 14 -4.82 -25.37 15.13
N GLU A 15 -5.05 -26.42 15.93
CA GLU A 15 -5.32 -26.21 17.34
C GLU A 15 -4.05 -25.82 18.09
N LEU A 16 -2.92 -26.45 17.75
CA LEU A 16 -1.64 -26.07 18.36
C LEU A 16 -1.25 -24.66 17.94
N ARG A 17 -1.55 -24.31 16.69
CA ARG A 17 -1.28 -22.96 16.19
C ARG A 17 -2.04 -21.91 16.99
N GLU A 18 -3.31 -22.18 17.32
CA GLU A 18 -4.08 -21.26 18.14
C GLU A 18 -3.48 -21.11 19.53
N LYS A 19 -3.04 -22.22 20.14
CA LYS A 19 -2.46 -22.18 21.47
C LYS A 19 -1.24 -21.27 21.53
N ILE A 20 -0.42 -21.27 20.48
CA ILE A 20 0.86 -20.58 20.53
C ILE A 20 0.80 -19.20 19.88
N LYS A 21 -0.38 -18.74 19.47
CA LYS A 21 -0.43 -17.49 18.69
C LYS A 21 0.07 -16.31 19.50
N GLY A 22 -0.02 -16.35 20.81
CA GLY A 22 0.47 -15.23 21.58
C GLY A 22 1.93 -15.28 21.94
N SER A 23 2.67 -16.27 21.44
CA SER A 23 3.99 -16.58 21.97
C SER A 23 5.12 -16.44 20.95
N ARG A 24 4.95 -15.61 19.92
CA ARG A 24 6.01 -15.54 18.91
C ARG A 24 7.35 -15.16 19.53
N ASN A 25 7.35 -14.25 20.50
CA ASN A 25 8.59 -13.85 21.14
C ASN A 25 9.31 -15.02 21.80
N SER A 26 8.62 -16.13 22.03
CA SER A 26 9.18 -17.30 22.68
C SER A 26 9.57 -18.41 21.69
N PHE A 27 9.44 -18.19 20.38
CA PHE A 27 9.55 -19.28 19.42
C PHE A 27 10.95 -19.88 19.37
N ARG A 28 11.95 -19.21 19.95
CA ARG A 28 13.30 -19.76 20.04
C ARG A 28 13.73 -20.02 21.48
N ASP A 29 12.83 -19.80 22.43
CA ASP A 29 13.05 -20.18 23.82
C ASP A 29 12.94 -21.69 23.98
N GLN A 30 13.93 -22.31 24.63
CA GLN A 30 13.99 -23.76 24.66
C GLN A 30 12.92 -24.36 25.57
N SER A 31 12.53 -23.64 26.62
CA SER A 31 11.42 -24.09 27.45
C SER A 31 10.13 -24.13 26.64
N PHE A 32 9.86 -23.09 25.85
CA PHE A 32 8.73 -23.11 24.94
C PHE A 32 8.86 -24.25 23.94
N LEU A 33 10.05 -24.39 23.33
CA LEU A 33 10.21 -25.38 22.27
C LEU A 33 10.03 -26.79 22.81
N ASP A 34 10.56 -27.06 24.01
CA ASP A 34 10.35 -28.36 24.63
C ASP A 34 8.88 -28.68 24.78
N GLN A 35 8.09 -27.69 25.22
CA GLN A 35 6.66 -27.92 25.39
C GLN A 35 5.99 -28.11 24.04
N LEU A 36 6.35 -27.29 23.04
CA LEU A 36 5.75 -27.43 21.73
C LEU A 36 6.05 -28.81 21.15
N ALA A 37 7.32 -29.21 21.20
CA ALA A 37 7.74 -30.52 20.73
C ALA A 37 6.95 -31.64 21.40
N GLN A 38 6.83 -31.58 22.73
CA GLN A 38 6.07 -32.61 23.43
C GLN A 38 4.64 -32.68 22.92
N HIS A 39 4.01 -31.51 22.72
CA HIS A 39 2.63 -31.48 22.24
C HIS A 39 2.51 -32.05 20.83
N ILE A 40 3.49 -31.79 19.97
CA ILE A 40 3.48 -32.38 18.64
C ILE A 40 3.63 -33.90 18.75
N ALA A 41 4.60 -34.35 19.55
CA ALA A 41 4.84 -35.78 19.72
C ALA A 41 3.58 -36.50 20.19
N ASP A 42 2.80 -35.85 21.06
CA ASP A 42 1.62 -36.45 21.67
C ASP A 42 0.35 -36.30 20.83
N ALA A 43 0.40 -35.58 19.73
CA ALA A 43 -0.78 -35.44 18.89
C ALA A 43 -1.15 -36.79 18.29
N PRO A 44 -2.40 -37.24 18.45
CA PRO A 44 -2.77 -38.59 17.96
C PRO A 44 -2.41 -38.85 16.51
N HIS A 45 -2.75 -37.94 15.61
CA HIS A 45 -2.49 -38.12 14.18
C HIS A 45 -1.20 -37.45 13.73
N LEU A 46 -1.06 -36.16 14.04
CA LEU A 46 0.15 -35.42 13.67
C LEU A 46 1.41 -36.14 14.15
N GLY A 47 1.46 -36.49 15.44
CA GLY A 47 2.67 -37.06 16.02
C GLY A 47 3.19 -38.31 15.33
N ARG A 48 2.34 -39.00 14.56
CA ARG A 48 2.78 -40.19 13.82
C ARG A 48 3.59 -39.86 12.57
N GLN A 49 3.54 -38.63 12.10
CA GLN A 49 4.09 -38.30 10.80
C GLN A 49 5.62 -38.30 10.83
N PRO A 50 6.30 -38.92 9.86
CA PRO A 50 7.76 -38.75 9.78
C PRO A 50 8.21 -37.30 9.87
N ILE A 51 7.51 -36.37 9.22
CA ILE A 51 8.01 -35.00 9.22
C ILE A 51 7.82 -34.36 10.59
N ALA A 52 6.76 -34.78 11.31
CA ALA A 52 6.56 -34.29 12.67
C ALA A 52 7.63 -34.83 13.62
N ARG A 53 8.04 -36.10 13.46
CA ARG A 53 9.16 -36.59 14.26
C ARG A 53 10.44 -35.83 13.95
N ALA A 54 10.63 -35.47 12.66
CA ALA A 54 11.80 -34.68 12.31
C ALA A 54 11.78 -33.32 13.00
N LEU A 55 10.61 -32.65 13.03
CA LEU A 55 10.53 -31.35 13.65
C LEU A 55 10.70 -31.45 15.16
N VAL A 56 10.10 -32.46 15.78
CA VAL A 56 10.25 -32.66 17.22
C VAL A 56 11.72 -32.79 17.59
N GLU A 57 12.47 -33.57 16.79
CA GLU A 57 13.89 -33.76 17.04
C GLU A 57 14.66 -32.46 16.87
N ASP A 58 14.38 -31.72 15.79
CA ASP A 58 15.03 -30.43 15.59
C ASP A 58 14.71 -29.47 16.73
N LEU A 59 13.43 -29.41 17.13
CA LEU A 59 13.03 -28.45 18.16
C LEU A 59 13.66 -28.78 19.50
N ARG A 60 13.76 -30.07 19.82
CA ARG A 60 14.35 -30.46 21.10
C ARG A 60 15.84 -30.20 21.14
N GLY A 61 16.51 -30.18 19.99
CA GLY A 61 17.93 -29.92 19.96
C GLY A 61 18.31 -28.47 19.76
N TYR A 62 17.34 -27.55 19.79
CA TYR A 62 17.55 -26.21 19.25
C TYR A 62 18.51 -25.39 20.10
N ALA A 63 18.55 -25.61 21.41
CA ALA A 63 19.45 -24.81 22.25
C ALA A 63 20.91 -25.02 21.86
N SER A 64 21.27 -26.21 21.41
CA SER A 64 22.66 -26.44 21.00
C SER A 64 22.87 -26.30 19.51
N GLU A 65 21.88 -26.66 18.69
CA GLU A 65 21.95 -26.51 17.24
C GLU A 65 20.71 -25.77 16.77
N PRO A 66 20.79 -24.44 16.62
CA PRO A 66 19.63 -23.64 16.14
C PRO A 66 19.45 -23.79 14.64
N ARG A 67 19.00 -24.97 14.25
CA ARG A 67 18.82 -25.32 12.85
C ARG A 67 17.70 -26.32 12.80
N LEU A 68 16.90 -26.29 11.73
CA LEU A 68 15.87 -27.30 11.52
C LEU A 68 16.35 -28.30 10.46
N ALA A 69 17.50 -28.92 10.76
CA ALA A 69 18.20 -29.73 9.77
C ALA A 69 17.41 -30.98 9.39
N ALA A 70 16.79 -31.66 10.36
CA ALA A 70 16.06 -32.87 10.04
C ALA A 70 14.83 -32.57 9.19
N VAL A 71 14.06 -31.55 9.59
CA VAL A 71 12.89 -31.13 8.79
C VAL A 71 13.30 -30.81 7.37
N LYS A 72 14.34 -29.99 7.21
CA LYS A 72 14.70 -29.57 5.87
C LYS A 72 15.28 -30.72 5.05
N ALA A 73 15.94 -31.69 5.70
CA ALA A 73 16.42 -32.85 4.95
C ALA A 73 15.25 -33.66 4.40
N HIS A 74 14.21 -33.87 5.22
CA HIS A 74 13.00 -34.53 4.75
C HIS A 74 12.39 -33.79 3.57
N ILE A 75 12.19 -32.47 3.73
CA ILE A 75 11.60 -31.65 2.67
C ILE A 75 12.46 -31.68 1.41
N ASN A 76 13.75 -31.41 1.56
CA ASN A 76 14.60 -31.26 0.39
C ASN A 76 14.75 -32.58 -0.37
N GLU A 77 14.62 -33.71 0.33
CA GLU A 77 14.72 -35.01 -0.32
C GLU A 77 13.39 -35.48 -0.88
N GLU A 78 12.31 -34.74 -0.65
CA GLU A 78 10.98 -35.12 -1.09
C GLU A 78 10.60 -36.51 -0.56
N ARG A 79 10.86 -36.71 0.74
CA ARG A 79 10.53 -38.02 1.34
C ARG A 79 9.05 -38.27 1.31
N ASP A 80 8.26 -37.21 1.34
CA ASP A 80 6.85 -37.28 0.97
C ASP A 80 6.45 -35.87 0.53
N GLN A 81 5.16 -35.63 0.40
CA GLN A 81 4.69 -34.36 -0.14
C GLN A 81 4.06 -33.50 0.95
N HIS A 82 4.59 -33.60 2.17
CA HIS A 82 4.13 -32.81 3.29
C HIS A 82 5.19 -31.81 3.72
N ILE A 83 4.76 -30.63 4.11
CA ILE A 83 5.63 -29.62 4.68
C ILE A 83 5.06 -29.26 6.05
N PHE A 84 5.92 -29.29 7.06
CA PHE A 84 5.51 -29.02 8.44
C PHE A 84 6.70 -28.41 9.15
N SER A 85 6.51 -27.21 9.71
CA SER A 85 7.60 -26.59 10.43
C SER A 85 7.06 -25.46 11.29
N LEU A 86 7.98 -24.78 11.97
CA LEU A 86 7.71 -23.59 12.77
C LEU A 86 8.36 -22.43 12.05
N PHE A 87 7.56 -21.43 11.66
CA PHE A 87 7.99 -20.39 10.74
C PHE A 87 8.07 -19.03 11.39
N ASP A 88 8.94 -18.19 10.84
CA ASP A 88 9.08 -16.80 11.27
C ASP A 88 9.54 -16.02 10.04
N ALA A 89 8.58 -15.60 9.23
CA ALA A 89 8.83 -14.86 7.99
C ALA A 89 8.12 -13.51 8.11
N SER A 90 8.90 -12.43 8.22
CA SER A 90 8.30 -11.14 8.55
C SER A 90 7.28 -10.72 7.48
N TYR A 91 7.51 -11.09 6.23
CA TYR A 91 6.61 -10.71 5.15
C TYR A 91 5.48 -11.72 4.92
N PHE A 92 5.51 -12.86 5.62
CA PHE A 92 4.40 -13.81 5.67
C PHE A 92 3.97 -13.93 7.13
N PRO A 93 3.40 -12.87 7.71
CA PRO A 93 3.15 -12.88 9.17
C PRO A 93 2.12 -13.89 9.63
N SER A 94 1.30 -14.45 8.74
CA SER A 94 0.31 -15.44 9.16
C SER A 94 0.95 -16.78 9.53
N LEU A 95 2.21 -17.01 9.20
CA LEU A 95 2.81 -18.33 9.38
C LEU A 95 3.40 -18.47 10.78
N SER A 96 2.94 -19.48 11.53
CA SER A 96 3.63 -19.86 12.76
C SER A 96 3.90 -21.37 12.67
N LEU A 97 3.13 -22.18 13.39
CA LEU A 97 3.19 -23.64 13.19
C LEU A 97 2.24 -23.98 12.05
N GLU A 98 2.77 -24.57 10.97
CA GLU A 98 1.95 -24.74 9.78
C GLU A 98 2.25 -26.06 9.10
N TYR A 99 1.25 -26.55 8.38
CA TYR A 99 1.29 -27.84 7.71
C TYR A 99 0.60 -27.73 6.36
N LEU A 100 1.20 -28.30 5.33
CA LEU A 100 0.52 -28.39 4.05
C LEU A 100 0.90 -29.67 3.35
N THR A 101 0.04 -30.08 2.42
CA THR A 101 0.35 -31.15 1.48
C THR A 101 0.31 -30.57 0.08
N TYR A 102 1.22 -31.00 -0.77
CA TYR A 102 1.30 -30.42 -2.10
C TYR A 102 1.33 -31.50 -3.17
N GLU A 103 1.07 -31.06 -4.40
CA GLU A 103 1.29 -31.88 -5.59
C GLU A 103 2.18 -31.13 -6.56
N THR A 104 3.15 -31.83 -7.13
CA THR A 104 4.06 -31.22 -8.08
C THR A 104 3.39 -31.06 -9.45
N LEU A 105 3.98 -30.21 -10.28
CA LEU A 105 3.46 -29.86 -11.60
C LEU A 105 4.42 -30.34 -12.69
N PRO A 106 3.90 -30.61 -13.89
CA PRO A 106 4.80 -31.06 -14.97
C PRO A 106 5.86 -30.02 -15.26
N THR A 107 7.00 -30.47 -15.77
CA THR A 107 8.03 -29.55 -16.22
C THR A 107 8.62 -30.02 -17.53
N ASN A 108 8.89 -29.08 -18.42
CA ASN A 108 9.56 -29.40 -19.68
C ASN A 108 11.00 -29.82 -19.40
N PRO A 109 11.48 -30.91 -20.00
CA PRO A 109 12.85 -31.38 -19.70
C PRO A 109 13.94 -30.39 -20.04
N HIS A 110 13.86 -29.72 -21.19
CA HIS A 110 14.91 -28.76 -21.54
C HIS A 110 14.92 -27.59 -20.56
N LEU A 111 13.74 -27.11 -20.19
CA LEU A 111 13.66 -26.00 -19.24
C LEU A 111 14.32 -26.37 -17.91
N ALA A 112 14.03 -27.57 -17.40
CA ALA A 112 14.53 -27.94 -16.09
C ALA A 112 16.03 -28.24 -16.10
N ALA A 113 16.57 -28.69 -17.24
CA ALA A 113 18.00 -28.96 -17.31
C ALA A 113 18.79 -27.68 -17.57
N ARG A 114 18.36 -26.87 -18.53
CA ARG A 114 19.16 -25.71 -18.95
C ARG A 114 19.00 -24.52 -18.01
N TYR A 115 17.85 -24.39 -17.36
CA TYR A 115 17.58 -23.30 -16.44
C TYR A 115 17.36 -23.85 -15.05
N ALA A 116 18.22 -24.78 -14.65
CA ALA A 116 18.00 -25.54 -13.43
C ALA A 116 18.13 -24.65 -12.18
N SER A 117 17.27 -24.92 -11.22
CA SER A 117 17.35 -24.30 -9.90
C SER A 117 16.55 -25.18 -8.96
N PRO A 118 16.72 -25.01 -7.65
CA PRO A 118 15.99 -25.84 -6.69
C PRO A 118 14.56 -25.35 -6.43
N THR A 119 13.79 -25.19 -7.51
CA THR A 119 12.47 -24.59 -7.46
C THR A 119 11.38 -25.64 -7.65
N MET A 120 10.33 -25.53 -6.84
CA MET A 120 9.21 -26.48 -6.77
C MET A 120 7.91 -25.73 -6.98
N PRO A 121 7.47 -25.61 -8.23
CA PRO A 121 6.11 -25.11 -8.50
C PRO A 121 5.12 -26.20 -8.12
N VAL A 122 4.24 -25.92 -7.18
CA VAL A 122 3.33 -26.91 -6.64
C VAL A 122 1.93 -26.32 -6.51
N ASN A 123 0.93 -27.19 -6.47
CA ASN A 123 -0.37 -26.80 -5.97
C ASN A 123 -0.52 -27.26 -4.53
N ILE A 124 -1.10 -26.40 -3.69
CA ILE A 124 -1.47 -26.77 -2.34
C ILE A 124 -2.75 -27.61 -2.38
N ILE A 125 -2.70 -28.79 -1.79
CA ILE A 125 -3.87 -29.67 -1.73
C ILE A 125 -4.67 -29.41 -0.46
N ALA A 126 -4.00 -29.36 0.69
CA ALA A 126 -4.60 -29.06 1.97
C ALA A 126 -3.56 -28.30 2.78
N SER A 127 -4.04 -27.48 3.72
CA SER A 127 -3.09 -26.71 4.53
C SER A 127 -3.75 -26.20 5.79
N SER A 128 -2.92 -25.91 6.78
CA SER A 128 -3.30 -25.20 7.99
C SER A 128 -3.58 -23.73 7.67
N LYS A 129 -4.09 -23.02 8.68
CA LYS A 129 -4.69 -21.70 8.46
C LYS A 129 -3.67 -20.68 7.96
N GLY A 130 -2.45 -20.72 8.49
CA GLY A 130 -1.46 -19.71 8.09
C GLY A 130 -1.25 -19.69 6.57
N PHE A 131 -1.21 -20.86 5.96
CA PHE A 131 -0.98 -20.99 4.52
C PHE A 131 -2.19 -20.61 3.68
N GLN A 132 -3.36 -20.42 4.30
CA GLN A 132 -4.54 -20.05 3.52
C GLN A 132 -4.61 -18.56 3.23
N SER A 133 -3.74 -17.75 3.84
CA SER A 133 -3.70 -16.33 3.55
C SER A 133 -3.30 -16.07 2.11
N ARG A 134 -4.02 -15.19 1.43
CA ARG A 134 -3.66 -14.82 0.06
C ARG A 134 -2.27 -14.18 -0.01
N VAL A 135 -1.73 -13.72 1.12
CA VAL A 135 -0.40 -13.15 1.15
C VAL A 135 0.66 -14.19 0.82
N VAL A 136 0.46 -15.43 1.29
CA VAL A 136 1.53 -16.45 1.32
C VAL A 136 1.52 -17.17 -0.04
N VAL A 137 2.33 -16.68 -0.98
CA VAL A 137 2.36 -17.25 -2.33
C VAL A 137 3.52 -18.19 -2.56
N ALA A 138 4.44 -18.32 -1.61
CA ALA A 138 5.64 -19.12 -1.79
C ALA A 138 6.18 -19.44 -0.42
N LEU A 139 7.22 -20.29 -0.37
CA LEU A 139 7.85 -20.63 0.89
C LEU A 139 9.33 -20.76 0.66
N PHE A 140 10.11 -19.97 1.39
CA PHE A 140 11.55 -19.97 1.22
C PHE A 140 12.27 -20.60 2.40
N PRO A 141 13.46 -21.16 2.18
CA PRO A 141 14.13 -21.90 3.26
C PRO A 141 14.38 -21.05 4.50
N GLU A 142 14.73 -19.78 4.31
CA GLU A 142 14.96 -18.91 5.46
C GLU A 142 13.68 -18.51 6.17
N ASN A 143 12.50 -18.91 5.67
CA ASN A 143 11.26 -18.64 6.40
C ASN A 143 11.07 -19.54 7.62
N HIS A 144 11.76 -20.69 7.70
CA HIS A 144 11.75 -21.47 8.93
C HIS A 144 12.39 -20.66 10.07
N ILE A 145 12.12 -21.05 11.32
CA ILE A 145 12.62 -20.23 12.43
C ILE A 145 14.14 -20.15 12.43
N ASP A 146 14.84 -21.13 11.86
CA ASP A 146 16.29 -21.04 11.92
C ASP A 146 16.85 -19.94 11.01
N GLY A 147 16.08 -19.48 10.02
CA GLY A 147 16.52 -18.36 9.20
C GLY A 147 17.62 -18.66 8.21
N ILE A 148 17.96 -19.92 7.99
CA ILE A 148 19.04 -20.36 7.12
C ILE A 148 18.50 -20.66 5.74
N GLN A 149 19.22 -20.25 4.69
CA GLN A 149 19.00 -20.77 3.35
C GLN A 149 20.32 -21.24 2.77
N ARG A 150 20.28 -22.38 2.09
CA ARG A 150 21.46 -22.85 1.34
C ARG A 150 21.08 -22.88 -0.13
N GLY A 151 22.08 -22.74 -1.00
CA GLY A 151 21.81 -22.63 -2.43
C GLY A 151 21.03 -23.79 -3.02
N ASP A 152 21.10 -24.97 -2.41
CA ASP A 152 20.38 -26.13 -2.92
C ASP A 152 19.09 -26.46 -2.15
N ASP A 153 18.70 -25.65 -1.16
CA ASP A 153 17.42 -25.85 -0.48
C ASP A 153 16.27 -25.66 -1.47
N LEU A 154 15.23 -26.48 -1.37
CA LEU A 154 14.08 -26.31 -2.25
C LEU A 154 13.28 -25.05 -1.89
N ILE A 155 12.83 -24.37 -2.93
CA ILE A 155 11.98 -23.18 -2.83
C ILE A 155 10.64 -23.52 -3.45
N PHE A 156 9.55 -23.26 -2.73
CA PHE A 156 8.22 -23.65 -3.14
C PHE A 156 7.43 -22.43 -3.60
N TYR A 157 6.76 -22.55 -4.75
CA TYR A 157 5.80 -21.57 -5.23
C TYR A 157 4.43 -22.23 -5.33
N PHE A 158 3.40 -21.55 -4.80
CA PHE A 158 2.05 -22.13 -4.77
C PHE A 158 1.32 -21.62 -6.00
N ILE A 159 1.44 -22.39 -7.07
CA ILE A 159 0.94 -21.97 -8.38
C ILE A 159 -0.56 -21.78 -8.37
N ASN A 160 -1.29 -22.56 -7.56
CA ASN A 160 -2.74 -22.35 -7.51
C ASN A 160 -3.07 -20.92 -7.11
N LYS A 161 -2.24 -20.30 -6.28
CA LYS A 161 -2.53 -18.92 -5.87
C LYS A 161 -2.25 -17.95 -7.01
N PHE A 162 -1.20 -18.21 -7.79
CA PHE A 162 -0.94 -17.38 -8.95
C PHE A 162 -2.03 -17.55 -10.00
N VAL A 163 -2.58 -18.76 -10.15
CA VAL A 163 -3.67 -18.95 -11.09
C VAL A 163 -4.88 -18.14 -10.64
N GLU A 164 -5.18 -18.18 -9.34
CA GLU A 164 -6.29 -17.43 -8.78
C GLU A 164 -6.13 -15.93 -9.04
N ARG A 165 -4.92 -15.39 -8.85
CA ARG A 165 -4.67 -13.96 -9.06
C ARG A 165 -4.76 -13.59 -10.53
N HIS A 166 -4.28 -14.46 -11.42
CA HIS A 166 -4.40 -14.21 -12.84
C HIS A 166 -5.87 -14.15 -13.26
N ASN A 167 -6.68 -15.07 -12.76
CA ASN A 167 -8.10 -15.10 -13.09
C ASN A 167 -8.83 -13.89 -12.52
N ARG A 168 -8.49 -13.50 -11.29
CA ARG A 168 -9.25 -12.44 -10.61
C ARG A 168 -8.86 -11.05 -11.08
N ILE A 169 -7.59 -10.83 -11.43
CA ILE A 169 -7.08 -9.50 -11.72
C ILE A 169 -6.60 -9.39 -13.16
N THR A 170 -5.66 -10.26 -13.55
CA THR A 170 -5.03 -10.07 -14.85
C THR A 170 -6.02 -10.17 -16.00
N ARG A 171 -6.92 -11.17 -15.95
CA ARG A 171 -7.88 -11.33 -17.04
C ARG A 171 -8.74 -10.08 -17.20
N LYS A 172 -9.19 -9.51 -16.07
CA LYS A 172 -10.00 -8.30 -16.13
C LYS A 172 -9.22 -7.13 -16.72
N MET A 173 -7.93 -7.03 -16.37
CA MET A 173 -7.14 -5.91 -16.89
C MET A 173 -6.84 -6.10 -18.37
N ILE A 174 -6.63 -7.35 -18.81
CA ILE A 174 -6.39 -7.57 -20.23
C ILE A 174 -7.59 -7.06 -21.02
N ASP A 175 -8.79 -7.45 -20.59
CA ASP A 175 -10.00 -7.08 -21.31
C ASP A 175 -10.23 -5.56 -21.28
N ALA A 176 -9.83 -4.90 -20.20
CA ALA A 176 -10.14 -3.47 -20.02
C ALA A 176 -9.08 -2.55 -20.59
N VAL A 177 -7.84 -3.00 -20.70
CA VAL A 177 -6.71 -2.12 -20.97
C VAL A 177 -6.01 -2.41 -22.30
N MET A 178 -6.10 -3.62 -22.82
CA MET A 178 -5.29 -4.05 -23.94
C MET A 178 -6.10 -4.00 -25.23
N ALA A 179 -5.43 -3.65 -26.32
CA ALA A 179 -6.04 -3.75 -27.64
C ALA A 179 -6.40 -5.20 -27.96
N GLU A 180 -7.48 -5.39 -28.72
CA GLU A 180 -7.93 -6.75 -28.97
C GLU A 180 -6.88 -7.53 -29.74
N GLY A 181 -6.71 -8.79 -29.36
CA GLY A 181 -5.66 -9.63 -29.91
C GLY A 181 -4.30 -9.52 -29.25
N SER A 182 -4.20 -8.79 -28.14
CA SER A 182 -2.89 -8.56 -27.52
C SER A 182 -2.27 -9.84 -26.99
N PHE A 183 -3.06 -10.64 -26.26
CA PHE A 183 -2.56 -11.86 -25.63
C PHE A 183 -3.46 -13.01 -26.11
N PRO A 184 -3.35 -13.39 -27.38
CA PRO A 184 -4.35 -14.31 -27.94
C PRO A 184 -4.31 -15.71 -27.35
N LEU A 185 -3.13 -16.21 -26.99
CA LEU A 185 -3.03 -17.54 -26.41
C LEU A 185 -3.64 -17.60 -25.00
N LEU A 186 -3.53 -16.52 -24.24
CA LEU A 186 -4.08 -16.47 -22.90
C LEU A 186 -5.59 -16.30 -22.89
N ARG A 187 -6.17 -15.74 -23.94
CA ARG A 187 -7.60 -15.47 -23.97
C ARG A 187 -8.40 -16.76 -23.88
N GLY A 188 -9.28 -16.84 -22.89
CA GLY A 188 -10.08 -18.03 -22.68
C GLY A 188 -9.30 -19.25 -22.24
N ALA A 189 -7.98 -19.14 -22.07
CA ALA A 189 -7.17 -20.25 -21.60
C ALA A 189 -7.73 -20.80 -20.30
N ASP A 190 -7.64 -22.12 -20.12
CA ASP A 190 -8.14 -22.75 -18.92
C ASP A 190 -7.07 -22.76 -17.83
N ASP A 191 -7.49 -23.17 -16.63
CA ASP A 191 -6.60 -23.11 -15.48
C ASP A 191 -5.36 -23.97 -15.69
N ARG A 192 -5.52 -25.15 -16.30
CA ARG A 192 -4.36 -26.00 -16.56
C ARG A 192 -3.32 -25.28 -17.42
N THR A 193 -3.77 -24.44 -18.35
CA THR A 193 -2.85 -23.73 -19.23
C THR A 193 -2.12 -22.61 -18.49
N VAL A 194 -2.85 -21.84 -17.69
CA VAL A 194 -2.23 -20.77 -16.88
C VAL A 194 -1.27 -21.39 -15.86
N GLU A 195 -1.68 -22.51 -15.28
CA GLU A 195 -0.79 -23.28 -14.40
C GLU A 195 0.55 -23.57 -15.06
N GLN A 196 0.54 -24.05 -16.31
CA GLN A 196 1.80 -24.38 -16.96
C GLN A 196 2.62 -23.11 -17.18
N ALA A 197 1.98 -22.05 -17.66
CA ALA A 197 2.70 -20.80 -17.92
C ALA A 197 3.30 -20.24 -16.63
N SER A 198 2.53 -20.25 -15.54
CA SER A 198 3.04 -19.76 -14.26
C SER A 198 4.19 -20.62 -13.76
N SER A 199 4.11 -21.95 -13.98
CA SER A 199 5.21 -22.82 -13.57
C SER A 199 6.50 -22.47 -14.32
N TRP A 200 6.40 -22.20 -15.61
CA TRP A 200 7.57 -21.75 -16.36
C TRP A 200 8.09 -20.44 -15.79
N TRP A 201 7.19 -19.50 -15.52
CA TRP A 201 7.58 -18.22 -14.96
C TRP A 201 8.43 -18.39 -13.70
N VAL A 202 7.99 -19.19 -12.73
CA VAL A 202 8.72 -19.25 -11.47
C VAL A 202 10.08 -19.92 -11.67
N ARG A 203 10.13 -20.94 -12.52
CA ARG A 203 11.42 -21.61 -12.75
C ARG A 203 12.42 -20.65 -13.39
N LEU A 204 11.99 -19.89 -14.39
CA LEU A 204 12.88 -18.92 -15.03
C LEU A 204 13.25 -17.79 -14.06
N HIS A 205 12.28 -17.37 -13.25
CA HIS A 205 12.50 -16.29 -12.28
C HIS A 205 13.62 -16.66 -11.29
N GLU A 206 13.50 -17.83 -10.66
CA GLU A 206 14.51 -18.23 -9.69
C GLU A 206 15.87 -18.42 -10.37
N TYR A 207 15.86 -19.00 -11.58
CA TYR A 207 17.10 -19.20 -12.29
C TYR A 207 17.80 -17.88 -12.54
N HIS A 208 17.07 -16.89 -13.05
CA HIS A 208 17.77 -15.66 -13.44
C HIS A 208 18.16 -14.79 -12.25
N HIS A 209 17.49 -14.91 -11.09
CA HIS A 209 17.96 -14.19 -9.91
C HIS A 209 19.41 -14.53 -9.60
N ARG A 210 19.84 -15.74 -9.92
CA ARG A 210 21.19 -16.19 -9.61
C ARG A 210 22.20 -15.87 -10.71
N GLN A 211 21.76 -15.30 -11.83
CA GLN A 211 22.63 -14.93 -12.93
C GLN A 211 22.91 -13.43 -12.95
N GLY A 212 23.97 -13.06 -13.68
CA GLY A 212 24.31 -11.66 -13.89
C GLY A 212 25.48 -11.21 -13.03
N ASP A 213 25.75 -9.91 -13.09
CA ASP A 213 26.87 -9.37 -12.34
C ASP A 213 26.54 -8.98 -10.91
N MET A 214 25.25 -8.98 -10.55
CA MET A 214 24.83 -8.65 -9.19
C MET A 214 23.73 -9.62 -8.75
N PRO A 215 24.01 -10.92 -8.77
CA PRO A 215 22.97 -11.90 -8.43
C PRO A 215 22.57 -11.81 -6.97
N ILE A 216 21.41 -12.40 -6.67
CA ILE A 216 21.01 -12.55 -5.27
C ILE A 216 21.08 -14.03 -4.94
N PRO A 217 21.36 -14.42 -3.69
CA PRO A 217 21.43 -13.54 -2.51
C PRO A 217 22.72 -12.72 -2.33
N GLU A 218 23.76 -12.93 -3.15
CA GLU A 218 25.02 -12.22 -2.90
C GLU A 218 24.82 -10.72 -2.70
N PHE A 219 24.05 -10.09 -3.60
CA PHE A 219 23.81 -8.65 -3.54
C PHE A 219 22.42 -8.31 -3.03
N LEU A 220 21.78 -9.24 -2.30
CA LEU A 220 20.42 -9.00 -1.82
C LEU A 220 20.30 -7.72 -1.01
N ARG A 221 21.25 -7.43 -0.13
CA ARG A 221 21.03 -6.29 0.74
C ARG A 221 21.13 -4.95 0.01
N TYR A 222 21.58 -4.95 -1.23
CA TYR A 222 21.57 -3.75 -2.06
C TYR A 222 20.34 -3.66 -2.92
N LYS A 223 19.50 -4.70 -2.91
CA LYS A 223 18.36 -4.80 -3.79
C LYS A 223 17.07 -4.93 -2.99
N LYS A 224 17.02 -4.33 -1.80
CA LYS A 224 15.79 -4.34 -1.01
C LYS A 224 15.05 -3.01 -0.99
N LEU A 225 15.73 -1.90 -1.28
CA LEU A 225 15.03 -0.63 -1.47
C LEU A 225 13.92 -0.80 -2.52
N LYS A 226 12.75 -0.24 -2.25
CA LYS A 226 11.57 -0.49 -3.09
C LYS A 226 11.87 -0.46 -4.59
N PRO A 227 12.41 0.63 -5.14
CA PRO A 227 12.67 0.67 -6.59
C PRO A 227 13.65 -0.39 -7.04
N LEU A 228 14.66 -0.68 -6.21
CA LEU A 228 15.69 -1.63 -6.61
C LEU A 228 15.20 -3.07 -6.51
N ALA A 229 14.39 -3.36 -5.48
CA ALA A 229 13.78 -4.68 -5.39
C ALA A 229 12.88 -4.95 -6.59
N GLY A 230 12.07 -3.97 -6.98
CA GLY A 230 11.27 -4.11 -8.19
C GLY A 230 12.12 -4.28 -9.44
N LEU A 231 13.17 -3.46 -9.57
CA LEU A 231 13.97 -3.52 -10.78
C LEU A 231 14.63 -4.88 -10.90
N GLU A 232 15.02 -5.49 -9.78
CA GLU A 232 15.60 -6.82 -9.84
C GLU A 232 14.56 -7.87 -10.26
N GLU A 233 13.34 -7.77 -9.73
CA GLU A 233 12.23 -8.60 -10.23
C GLU A 233 12.07 -8.43 -11.73
N LEU A 234 12.18 -7.19 -12.21
CA LEU A 234 11.93 -6.94 -13.62
C LEU A 234 13.08 -7.45 -14.47
N ARG A 235 14.33 -7.26 -14.01
CA ARG A 235 15.47 -7.83 -14.70
C ARG A 235 15.27 -9.31 -14.96
N VAL A 236 14.88 -10.07 -13.93
CA VAL A 236 14.78 -11.52 -14.12
C VAL A 236 13.56 -11.86 -14.95
N ASP A 237 12.46 -11.10 -14.86
CA ASP A 237 11.31 -11.50 -15.64
C ASP A 237 11.45 -11.10 -17.10
N VAL A 238 12.14 -9.98 -17.39
CA VAL A 238 12.43 -9.68 -18.79
C VAL A 238 13.39 -10.74 -19.34
N SER A 239 14.39 -11.15 -18.56
CA SER A 239 15.25 -12.26 -19.00
C SER A 239 14.42 -13.48 -19.34
N GLY A 240 13.39 -13.75 -18.54
CA GLY A 240 12.56 -14.92 -18.77
C GLY A 240 11.69 -14.82 -20.00
N MET A 241 11.08 -13.64 -20.22
CA MET A 241 10.37 -13.39 -21.48
C MET A 241 11.28 -13.64 -22.67
N LEU A 242 12.52 -13.15 -22.62
CA LEU A 242 13.41 -13.27 -23.77
C LEU A 242 13.84 -14.72 -23.99
N VAL A 243 14.05 -15.49 -22.91
CA VAL A 243 14.28 -16.93 -23.11
C VAL A 243 13.10 -17.57 -23.83
N CYS A 244 11.87 -17.23 -23.42
CA CYS A 244 10.70 -17.83 -24.06
C CYS A 244 10.60 -17.48 -25.53
N LEU A 245 11.10 -16.30 -25.92
CA LEU A 245 11.07 -15.88 -27.32
C LEU A 245 12.23 -16.44 -28.12
N ASN A 246 13.36 -16.71 -27.47
CA ASN A 246 14.62 -16.90 -28.17
C ASN A 246 15.17 -18.33 -28.11
N ASP A 247 14.84 -19.09 -27.07
CA ASP A 247 15.44 -20.43 -26.94
C ASP A 247 14.66 -21.44 -27.77
N PRO A 248 15.22 -21.89 -28.90
CA PRO A 248 14.44 -22.73 -29.82
C PRO A 248 14.25 -24.17 -29.34
N GLU A 249 14.97 -24.61 -28.31
CA GLU A 249 14.74 -25.93 -27.76
C GLU A 249 13.54 -25.99 -26.81
N LEU A 250 12.88 -24.87 -26.58
CA LEU A 250 11.63 -24.93 -25.84
C LEU A 250 10.47 -25.16 -26.79
N PRO A 251 9.46 -25.94 -26.41
CA PRO A 251 8.32 -26.15 -27.32
C PRO A 251 7.62 -24.83 -27.62
N ALA A 252 7.32 -24.62 -28.91
CA ALA A 252 6.92 -23.30 -29.38
C ALA A 252 5.63 -22.82 -28.72
N ASP A 253 4.61 -23.67 -28.68
CA ASP A 253 3.32 -23.25 -28.13
C ASP A 253 3.44 -22.92 -26.64
N GLU A 254 4.11 -23.78 -25.87
CA GLU A 254 4.23 -23.53 -24.43
C GLU A 254 5.10 -22.31 -24.14
N ALA A 255 6.15 -22.11 -24.92
CA ALA A 255 7.02 -20.95 -24.71
C ALA A 255 6.29 -19.64 -25.00
N ARG A 256 5.49 -19.60 -26.07
CA ARG A 256 4.73 -18.40 -26.38
C ARG A 256 3.72 -18.11 -25.28
N LEU A 257 3.10 -19.17 -24.75
CA LEU A 257 2.12 -18.99 -23.69
C LEU A 257 2.81 -18.44 -22.44
N ALA A 258 3.99 -18.96 -22.11
CA ALA A 258 4.72 -18.44 -20.96
C ALA A 258 5.13 -16.99 -21.18
N TYR A 259 5.53 -16.65 -22.40
CA TYR A 259 5.85 -15.26 -22.71
C TYR A 259 4.65 -14.37 -22.43
N GLU A 260 3.49 -14.78 -22.93
CA GLU A 260 2.28 -13.98 -22.75
C GLU A 260 1.95 -13.83 -21.28
N TYR A 261 2.14 -14.90 -20.52
CA TYR A 261 1.85 -14.85 -19.09
C TYR A 261 2.78 -13.86 -18.40
N ILE A 262 4.09 -13.98 -18.64
CA ILE A 262 5.03 -13.10 -17.92
C ILE A 262 4.80 -11.65 -18.31
N LEU A 263 4.57 -11.39 -19.60
CA LEU A 263 4.39 -10.01 -20.05
C LEU A 263 3.10 -9.43 -19.50
N SER A 264 1.97 -10.15 -19.61
CA SER A 264 0.71 -9.64 -19.09
C SER A 264 0.78 -9.41 -17.58
N GLU A 265 1.47 -10.29 -16.85
CA GLU A 265 1.56 -10.09 -15.40
C GLU A 265 2.36 -8.85 -15.06
N ARG A 266 3.49 -8.65 -15.73
CA ARG A 266 4.34 -7.51 -15.39
C ARG A 266 3.79 -6.22 -15.96
N LEU A 267 3.12 -6.28 -17.11
CA LEU A 267 2.58 -5.05 -17.70
C LEU A 267 1.31 -4.61 -17.00
N LEU A 268 0.57 -5.53 -16.38
CA LEU A 268 -0.77 -5.21 -15.86
C LEU A 268 -0.90 -5.50 -14.38
N ARG A 269 -0.91 -6.77 -13.96
CA ARG A 269 -1.25 -7.08 -12.57
C ARG A 269 -0.26 -6.45 -11.60
N TYR A 270 1.04 -6.60 -11.88
CA TYR A 270 2.01 -6.05 -10.96
C TYR A 270 2.00 -4.53 -10.96
N ALA A 271 1.57 -3.92 -12.07
CA ALA A 271 1.60 -2.47 -12.20
C ALA A 271 0.62 -1.76 -11.30
N VAL A 272 -0.40 -2.45 -10.78
CA VAL A 272 -1.40 -1.80 -9.94
C VAL A 272 -1.24 -2.20 -8.48
N GLU A 273 -0.19 -2.93 -8.13
CA GLU A 273 0.00 -3.40 -6.77
C GLU A 273 0.32 -2.25 -5.83
N GLY A 274 -0.27 -2.29 -4.64
CA GLY A 274 0.06 -1.31 -3.63
C GLY A 274 -0.95 -0.20 -3.47
N ILE A 275 -1.38 0.05 -2.24
CA ILE A 275 -2.25 1.17 -1.89
C ILE A 275 -1.69 1.81 -0.62
N PRO A 276 -1.62 3.14 -0.52
CA PRO A 276 -1.89 4.15 -1.54
C PRO A 276 -0.75 4.29 -2.56
N ARG A 277 0.46 3.87 -2.18
CA ARG A 277 1.59 3.99 -3.08
C ARG A 277 1.92 2.66 -3.74
N PRO A 278 2.52 2.69 -4.91
CA PRO A 278 2.96 1.43 -5.55
C PRO A 278 3.94 0.69 -4.64
N ASN A 279 3.84 -0.63 -4.63
CA ASN A 279 4.86 -1.44 -3.96
C ASN A 279 6.05 -1.61 -4.90
N TYR A 280 7.03 -2.41 -4.46
CA TYR A 280 8.25 -2.57 -5.27
C TYR A 280 7.93 -3.10 -6.67
N ASP A 281 7.09 -4.11 -6.78
CA ASP A 281 6.73 -4.64 -8.10
C ASP A 281 6.16 -3.53 -9.00
N ALA A 282 5.23 -2.75 -8.45
CA ALA A 282 4.52 -1.76 -9.26
C ALA A 282 5.44 -0.65 -9.71
N VAL A 283 6.38 -0.22 -8.87
CA VAL A 283 7.33 0.79 -9.32
C VAL A 283 8.06 0.31 -10.57
N ALA A 284 8.59 -0.92 -10.53
CA ALA A 284 9.34 -1.43 -11.69
C ALA A 284 8.43 -1.65 -12.89
N SER A 285 7.18 -2.08 -12.66
CA SER A 285 6.28 -2.28 -13.79
C SER A 285 5.90 -0.96 -14.42
N GLN A 286 5.85 0.10 -13.63
CA GLN A 286 5.56 1.41 -14.22
C GLN A 286 6.78 1.96 -14.95
N LEU A 287 7.97 1.65 -14.45
CA LEU A 287 9.21 1.89 -15.20
C LEU A 287 9.14 1.24 -16.58
N LEU A 288 8.82 -0.07 -16.60
CA LEU A 288 8.70 -0.79 -17.87
C LEU A 288 7.68 -0.14 -18.79
N PHE A 289 6.51 0.20 -18.26
CA PHE A 289 5.46 0.80 -19.07
C PHE A 289 5.97 2.07 -19.75
N ASN A 290 6.60 2.95 -18.98
CA ASN A 290 7.03 4.23 -19.53
C ASN A 290 8.24 4.07 -20.43
N TYR A 291 9.16 3.18 -20.06
CA TYR A 291 10.26 2.86 -20.98
C TYR A 291 9.74 2.34 -22.30
N LEU A 292 8.86 1.33 -22.27
CA LEU A 292 8.34 0.78 -23.52
C LEU A 292 7.59 1.85 -24.31
N SER A 293 6.81 2.68 -23.62
CA SER A 293 6.06 3.73 -24.31
C SER A 293 6.99 4.71 -24.98
N GLU A 294 8.08 5.06 -24.31
CA GLU A 294 9.00 6.07 -24.78
C GLU A 294 9.93 5.54 -25.85
N HIS A 295 10.13 4.23 -25.91
CA HIS A 295 11.12 3.65 -26.82
C HIS A 295 10.52 2.82 -27.92
N GLY A 296 9.19 2.87 -28.08
CA GLY A 296 8.57 2.24 -29.23
C GLY A 296 8.22 0.79 -29.08
N GLY A 297 8.10 0.28 -27.85
CA GLY A 297 7.70 -1.09 -27.66
C GLY A 297 6.20 -1.25 -27.50
N ILE A 298 5.52 -0.21 -26.98
CA ILE A 298 4.07 -0.20 -26.90
C ILE A 298 3.58 1.18 -27.32
N GLU A 299 2.33 1.22 -27.75
CA GLU A 299 1.67 2.47 -28.11
C GLU A 299 0.36 2.56 -27.34
N LEU A 300 -0.01 3.78 -26.97
CA LEU A 300 -1.28 4.04 -26.31
C LEU A 300 -2.21 4.76 -27.27
N HIS A 301 -3.42 4.24 -27.42
CA HIS A 301 -4.44 4.84 -28.28
C HIS A 301 -5.70 4.98 -27.44
N GLY A 302 -6.01 6.22 -27.08
CA GLY A 302 -7.19 6.44 -26.25
C GLY A 302 -7.18 5.59 -25.01
N GLY A 303 -6.04 5.49 -24.34
CA GLY A 303 -5.93 4.75 -23.11
C GLY A 303 -5.90 3.24 -23.25
N VAL A 304 -5.74 2.72 -24.45
CA VAL A 304 -5.65 1.28 -24.71
C VAL A 304 -4.23 0.97 -25.19
N ILE A 305 -3.63 -0.06 -24.61
CA ILE A 305 -2.25 -0.43 -24.93
C ILE A 305 -2.23 -1.34 -26.15
N ARG A 306 -1.46 -0.95 -27.17
CA ARG A 306 -1.08 -1.80 -28.30
C ARG A 306 0.35 -2.29 -28.11
N LEU A 307 0.56 -3.61 -28.22
CA LEU A 307 1.91 -4.17 -28.22
C LEU A 307 2.49 -4.07 -29.63
N CYS A 308 3.65 -3.39 -29.76
CA CYS A 308 4.23 -3.21 -31.08
C CYS A 308 4.92 -4.50 -31.54
N PRO A 309 4.93 -4.76 -32.85
CA PRO A 309 5.69 -5.92 -33.33
C PRO A 309 7.16 -5.83 -32.96
N GLU A 310 7.67 -4.62 -32.72
CA GLU A 310 9.07 -4.42 -32.36
C GLU A 310 9.34 -4.66 -30.89
N LEU A 311 8.33 -5.04 -30.13
CA LEU A 311 8.53 -5.16 -28.69
C LEU A 311 9.67 -6.08 -28.31
N PRO A 312 9.90 -7.22 -28.97
CA PRO A 312 11.05 -8.03 -28.54
C PRO A 312 12.38 -7.28 -28.60
N ALA A 313 12.59 -6.46 -29.63
CA ALA A 313 13.84 -5.71 -29.71
C ALA A 313 13.94 -4.67 -28.61
N VAL A 314 12.80 -4.10 -28.20
CA VAL A 314 12.84 -3.09 -27.16
C VAL A 314 13.03 -3.75 -25.80
N LEU A 315 12.46 -4.94 -25.58
CA LEU A 315 12.74 -5.67 -24.35
C LEU A 315 14.23 -6.00 -24.25
N THR A 316 14.84 -6.39 -25.37
CA THR A 316 16.27 -6.68 -25.38
C THR A 316 17.06 -5.41 -25.06
N GLU A 317 16.66 -4.27 -25.60
CA GLU A 317 17.33 -3.03 -25.26
C GLU A 317 17.20 -2.71 -23.77
N PHE A 318 16.01 -2.92 -23.21
CA PHE A 318 15.79 -2.63 -21.79
C PHE A 318 16.69 -3.50 -20.92
N LEU A 319 16.73 -4.80 -21.19
CA LEU A 319 17.60 -5.69 -20.41
C LEU A 319 19.08 -5.33 -20.60
N ASP A 320 19.48 -5.02 -21.84
CA ASP A 320 20.87 -4.61 -22.09
C ASP A 320 21.24 -3.40 -21.25
N ARG A 321 20.31 -2.46 -21.12
CA ARG A 321 20.55 -1.25 -20.36
C ARG A 321 20.76 -1.56 -18.87
N ILE A 322 19.88 -2.38 -18.28
CA ILE A 322 20.08 -2.83 -16.90
C ILE A 322 21.45 -3.48 -16.75
N GLN A 323 21.82 -4.34 -17.70
CA GLN A 323 23.08 -5.07 -17.57
C GLN A 323 24.28 -4.14 -17.72
N ARG A 324 24.16 -3.06 -18.52
CA ARG A 324 25.24 -2.07 -18.59
C ARG A 324 25.41 -1.36 -17.25
N ILE A 325 24.31 -1.03 -16.57
CA ILE A 325 24.42 -0.39 -15.26
C ILE A 325 25.05 -1.37 -14.26
N GLU A 326 24.60 -2.63 -14.26
CA GLU A 326 25.11 -3.57 -13.27
C GLU A 326 26.55 -3.98 -13.55
N GLN A 327 26.95 -4.02 -14.82
CA GLN A 327 28.30 -4.45 -15.15
C GLN A 327 29.36 -3.60 -14.46
N ARG A 328 29.05 -2.33 -14.18
CA ARG A 328 30.05 -1.49 -13.54
C ARG A 328 30.30 -1.88 -12.08
N ILE A 329 29.62 -2.88 -11.54
CA ILE A 329 30.03 -3.41 -10.25
C ILE A 329 31.52 -3.80 -10.32
N HIS A 330 32.03 -4.07 -11.52
CA HIS A 330 33.41 -4.53 -11.65
C HIS A 330 34.42 -3.40 -11.50
N THR A 331 33.99 -2.14 -11.55
CA THR A 331 34.89 -0.99 -11.48
C THR A 331 34.41 0.08 -10.53
N THR A 332 33.25 -0.10 -9.88
CA THR A 332 32.71 0.85 -8.93
C THR A 332 32.05 0.10 -7.77
N SER A 333 31.67 0.84 -6.74
CA SER A 333 31.07 0.21 -5.57
C SER A 333 29.61 -0.17 -5.84
N ALA A 334 29.12 -1.14 -5.05
CA ALA A 334 27.71 -1.48 -5.14
C ALA A 334 26.83 -0.26 -4.85
N GLU A 335 27.27 0.63 -3.96
CA GLU A 335 26.51 1.86 -3.71
C GLU A 335 26.45 2.74 -4.95
N GLU A 336 27.54 2.78 -5.70
CA GLU A 336 27.55 3.61 -6.90
C GLU A 336 26.62 3.02 -7.96
N VAL A 337 26.60 1.69 -8.07
CA VAL A 337 25.64 1.04 -8.98
C VAL A 337 24.21 1.30 -8.53
N GLN A 338 23.96 1.25 -7.21
CA GLN A 338 22.60 1.53 -6.73
C GLN A 338 22.13 2.89 -7.18
N GLN A 339 22.99 3.90 -7.02
CA GLN A 339 22.60 5.25 -7.41
C GLN A 339 22.28 5.33 -8.89
N ASN A 340 23.01 4.57 -9.71
CA ASN A 340 22.72 4.61 -11.14
C ASN A 340 21.46 3.82 -11.50
N LEU A 341 21.15 2.76 -10.75
CA LEU A 341 19.89 2.06 -10.97
C LEU A 341 18.71 2.93 -10.55
N LEU A 342 18.88 3.70 -9.47
CA LEU A 342 17.82 4.61 -9.03
C LEU A 342 17.59 5.72 -10.04
N GLU A 343 18.67 6.28 -10.58
CA GLU A 343 18.57 7.34 -11.58
C GLU A 343 17.76 6.87 -12.78
N PHE A 344 18.05 5.66 -13.25
CA PHE A 344 17.32 5.05 -14.35
C PHE A 344 15.84 4.88 -13.99
N THR A 345 15.57 4.28 -12.83
CA THR A 345 14.20 4.08 -12.38
C THR A 345 13.44 5.40 -12.37
N ASN A 346 14.07 6.45 -11.80
CA ASN A 346 13.33 7.69 -11.59
C ASN A 346 13.04 8.44 -12.89
N ARG A 347 13.80 8.19 -13.96
CA ARG A 347 13.47 8.81 -15.24
C ARG A 347 12.11 8.38 -15.76
N TYR A 348 11.63 7.20 -15.35
CA TYR A 348 10.45 6.61 -15.95
C TYR A 348 9.34 6.33 -14.94
N THR A 349 9.44 6.85 -13.72
CA THR A 349 8.43 6.65 -12.70
C THR A 349 8.12 8.00 -12.06
N ASP A 350 7.14 8.01 -11.16
CA ASP A 350 6.71 9.25 -10.52
C ASP A 350 7.30 9.27 -9.13
N TYR A 351 8.55 9.75 -9.03
CA TYR A 351 9.28 9.83 -7.79
C TYR A 351 9.01 11.16 -7.10
N ASP A 352 8.62 11.10 -5.82
CA ASP A 352 8.38 12.30 -5.04
C ASP A 352 9.64 12.58 -4.22
N PRO A 353 10.44 13.59 -4.58
CA PRO A 353 11.73 13.77 -3.90
C PRO A 353 11.62 14.20 -2.45
N ASP A 354 10.53 14.84 -2.04
CA ASP A 354 10.41 15.24 -0.64
C ASP A 354 9.89 14.10 0.24
N ALA A 355 9.06 13.22 -0.31
CA ALA A 355 8.63 12.03 0.42
C ALA A 355 9.63 10.90 0.29
N LYS A 356 10.56 10.99 -0.68
CA LYS A 356 11.49 9.91 -1.01
C LYS A 356 10.73 8.62 -1.27
N ASP A 357 9.64 8.74 -2.00
CA ASP A 357 8.83 7.57 -2.32
C ASP A 357 8.09 7.86 -3.61
N TYR A 358 7.31 6.89 -4.06
CA TYR A 358 6.76 6.89 -5.41
C TYR A 358 5.24 6.99 -5.36
N ARG A 359 4.69 7.54 -6.43
CA ARG A 359 3.25 7.59 -6.63
C ARG A 359 2.91 6.74 -7.84
N HIS A 360 1.74 6.10 -7.82
CA HIS A 360 1.26 5.43 -9.02
C HIS A 360 1.19 6.43 -10.16
N ILE A 361 1.74 6.07 -11.33
CA ILE A 361 1.68 6.99 -12.46
C ILE A 361 0.23 7.16 -12.86
N PRO A 362 -0.14 8.29 -13.46
CA PRO A 362 -1.56 8.54 -13.75
C PRO A 362 -2.27 7.45 -14.53
N PHE A 363 -1.59 6.81 -15.47
CA PHE A 363 -2.24 5.77 -16.26
C PHE A 363 -2.76 4.64 -15.35
N PHE A 364 -1.95 4.19 -14.39
CA PHE A 364 -2.39 3.08 -13.57
C PHE A 364 -3.25 3.53 -12.39
N ALA A 365 -3.06 4.77 -11.91
CA ALA A 365 -3.97 5.30 -10.91
C ALA A 365 -5.40 5.29 -11.43
N GLU A 366 -5.56 5.62 -12.72
CA GLU A 366 -6.91 5.65 -13.28
C GLU A 366 -7.48 4.25 -13.40
N ILE A 367 -6.66 3.28 -13.80
CA ILE A 367 -7.12 1.90 -13.91
C ILE A 367 -7.50 1.35 -12.53
N LYS A 368 -6.70 1.66 -11.50
CA LYS A 368 -7.05 1.23 -10.15
C LYS A 368 -8.43 1.77 -9.77
N GLU A 369 -8.69 3.02 -10.11
CA GLU A 369 -9.99 3.63 -9.81
C GLU A 369 -11.10 2.97 -10.62
N ARG A 370 -10.87 2.78 -11.92
CA ARG A 370 -11.90 2.24 -12.81
C ARG A 370 -12.25 0.80 -12.46
N LEU A 371 -11.25 -0.04 -12.19
CA LEU A 371 -11.48 -1.47 -12.04
C LEU A 371 -11.47 -1.94 -10.60
N GLY A 372 -11.09 -1.08 -9.66
CA GLY A 372 -11.01 -1.50 -8.27
C GLY A 372 -9.85 -2.41 -7.97
N VAL A 373 -8.77 -2.32 -8.76
CA VAL A 373 -7.59 -3.16 -8.57
C VAL A 373 -6.47 -2.38 -7.90
N SER B 4 -33.11 17.30 -13.05
CA SER B 4 -32.48 18.28 -12.15
C SER B 4 -31.64 19.28 -12.94
N PRO B 5 -31.76 20.56 -12.66
CA PRO B 5 -30.85 21.54 -13.25
C PRO B 5 -29.42 21.29 -12.82
N THR B 6 -29.19 21.05 -11.53
CA THR B 6 -27.86 20.65 -11.08
C THR B 6 -27.44 19.33 -11.72
N ALA B 7 -28.38 18.40 -11.90
CA ALA B 7 -28.05 17.15 -12.57
C ALA B 7 -27.58 17.39 -14.00
N ALA B 8 -28.17 18.37 -14.68
CA ALA B 8 -27.73 18.68 -16.04
C ALA B 8 -26.39 19.39 -16.04
N VAL B 9 -26.14 20.25 -15.05
CA VAL B 9 -24.82 20.88 -14.94
C VAL B 9 -23.75 19.82 -14.78
N ILE B 10 -23.96 18.89 -13.87
CA ILE B 10 -22.92 17.91 -13.59
C ILE B 10 -22.74 16.99 -14.78
N ALA B 11 -23.83 16.70 -15.49
CA ALA B 11 -23.71 15.88 -16.69
C ALA B 11 -22.83 16.55 -17.73
N GLU B 12 -22.96 17.87 -17.88
CA GLU B 12 -22.13 18.60 -18.82
C GLU B 12 -20.67 18.60 -18.37
N VAL B 13 -20.43 18.69 -17.06
CA VAL B 13 -19.04 18.65 -16.58
C VAL B 13 -18.43 17.28 -16.85
N ASP B 14 -19.18 16.21 -16.55
CA ASP B 14 -18.63 14.88 -16.74
C ASP B 14 -18.28 14.62 -18.21
N GLU B 15 -19.04 15.19 -19.15
CA GLU B 15 -18.71 15.01 -20.57
C GLU B 15 -17.45 15.78 -20.95
N LEU B 16 -17.28 17.01 -20.46
CA LEU B 16 -16.03 17.72 -20.71
C LEU B 16 -14.85 17.03 -20.04
N ARG B 17 -15.06 16.54 -18.82
CA ARG B 17 -14.02 15.77 -18.15
C ARG B 17 -13.59 14.58 -18.99
N GLU B 18 -14.57 13.87 -19.56
CA GLU B 18 -14.23 12.75 -20.44
C GLU B 18 -13.44 13.22 -21.66
N LYS B 19 -13.83 14.35 -22.25
CA LYS B 19 -13.14 14.82 -23.45
C LYS B 19 -11.68 15.18 -23.18
N ILE B 20 -11.34 15.62 -21.97
CA ILE B 20 -10.01 16.12 -21.71
C ILE B 20 -9.14 15.11 -20.94
N LYS B 21 -9.61 13.88 -20.77
CA LYS B 21 -8.91 12.94 -19.89
C LYS B 21 -7.50 12.64 -20.40
N GLY B 22 -7.29 12.68 -21.71
CA GLY B 22 -5.97 12.37 -22.22
C GLY B 22 -5.07 13.56 -22.33
N SER B 23 -5.44 14.69 -21.74
CA SER B 23 -4.78 15.95 -22.03
C SER B 23 -4.16 16.63 -20.81
N ARG B 24 -3.86 15.88 -19.73
CA ARG B 24 -3.35 16.57 -18.54
C ARG B 24 -2.07 17.34 -18.81
N ASN B 25 -1.22 16.86 -19.71
CA ASN B 25 0.02 17.60 -19.98
C ASN B 25 -0.26 18.96 -20.61
N SER B 26 -1.48 19.22 -21.07
CA SER B 26 -1.85 20.48 -21.69
C SER B 26 -2.65 21.40 -20.77
N PHE B 27 -2.81 21.04 -19.49
CA PHE B 27 -3.74 21.77 -18.67
C PHE B 27 -3.31 23.22 -18.38
N ARG B 28 -2.08 23.61 -18.70
CA ARG B 28 -1.68 25.00 -18.56
C ARG B 28 -1.31 25.63 -19.91
N ASP B 29 -1.53 24.92 -21.01
CA ASP B 29 -1.27 25.46 -22.35
C ASP B 29 -2.43 26.35 -22.76
N GLN B 30 -2.12 27.58 -23.22
CA GLN B 30 -3.21 28.53 -23.46
C GLN B 30 -4.08 28.11 -24.64
N SER B 31 -3.52 27.43 -25.64
CA SER B 31 -4.36 26.93 -26.71
C SER B 31 -5.42 25.99 -26.17
N PHE B 32 -5.01 25.07 -25.28
CA PHE B 32 -5.95 24.14 -24.66
C PHE B 32 -6.94 24.87 -23.78
N LEU B 33 -6.45 25.79 -22.95
CA LEU B 33 -7.32 26.48 -22.00
C LEU B 33 -8.35 27.35 -22.71
N ASP B 34 -7.93 28.01 -23.81
CA ASP B 34 -8.88 28.80 -24.58
C ASP B 34 -10.02 27.93 -25.09
N GLN B 35 -9.68 26.74 -25.60
CA GLN B 35 -10.72 25.84 -26.11
C GLN B 35 -11.56 25.28 -24.97
N LEU B 36 -10.95 24.93 -23.85
CA LEU B 36 -11.72 24.44 -22.71
C LEU B 36 -12.68 25.50 -22.22
N ALA B 37 -12.22 26.75 -22.11
CA ALA B 37 -13.06 27.84 -21.64
C ALA B 37 -14.26 28.04 -22.56
N GLN B 38 -14.05 27.98 -23.87
CA GLN B 38 -15.16 28.14 -24.81
C GLN B 38 -16.18 27.04 -24.64
N HIS B 39 -15.72 25.80 -24.48
CA HIS B 39 -16.64 24.69 -24.30
C HIS B 39 -17.44 24.85 -23.01
N ILE B 40 -16.80 25.35 -21.95
CA ILE B 40 -17.55 25.62 -20.72
C ILE B 40 -18.56 26.74 -20.94
N ALA B 41 -18.13 27.83 -21.55
CA ALA B 41 -19.02 28.97 -21.79
C ALA B 41 -20.25 28.54 -22.59
N ASP B 42 -20.07 27.65 -23.56
CA ASP B 42 -21.15 27.23 -24.44
C ASP B 42 -22.01 26.12 -23.85
N ALA B 43 -21.62 25.54 -22.73
CA ALA B 43 -22.43 24.50 -22.11
C ALA B 43 -23.77 25.09 -21.68
N PRO B 44 -24.89 24.57 -22.17
CA PRO B 44 -26.19 25.22 -21.93
C PRO B 44 -26.50 25.49 -20.45
N HIS B 45 -26.21 24.53 -19.57
CA HIS B 45 -26.51 24.73 -18.16
C HIS B 45 -25.28 25.17 -17.37
N LEU B 46 -24.19 24.42 -17.46
CA LEU B 46 -22.97 24.76 -16.75
C LEU B 46 -22.49 26.17 -17.04
N GLY B 47 -22.51 26.57 -18.32
CA GLY B 47 -21.88 27.82 -18.70
C GLY B 47 -22.54 29.05 -18.12
N ARG B 48 -23.79 28.94 -17.69
CA ARG B 48 -24.49 30.09 -17.11
C ARG B 48 -24.30 30.21 -15.60
N GLN B 49 -23.66 29.24 -14.95
CA GLN B 49 -23.49 29.32 -13.51
C GLN B 49 -22.48 30.42 -13.17
N PRO B 50 -22.73 31.23 -12.12
CA PRO B 50 -21.72 32.24 -11.74
C PRO B 50 -20.34 31.66 -11.55
N ILE B 51 -20.20 30.48 -10.96
CA ILE B 51 -18.83 30.00 -10.74
C ILE B 51 -18.20 29.57 -12.06
N ALA B 52 -19.01 29.16 -13.05
CA ALA B 52 -18.46 28.83 -14.35
C ALA B 52 -18.07 30.09 -15.12
N ARG B 53 -18.77 31.20 -14.89
CA ARG B 53 -18.29 32.47 -15.44
C ARG B 53 -16.93 32.82 -14.88
N ALA B 54 -16.73 32.59 -13.57
CA ALA B 54 -15.46 32.90 -12.95
C ALA B 54 -14.34 32.03 -13.51
N LEU B 55 -14.58 30.72 -13.65
CA LEU B 55 -13.51 29.84 -14.13
C LEU B 55 -13.12 30.18 -15.57
N VAL B 56 -14.12 30.44 -16.43
CA VAL B 56 -13.83 30.82 -17.81
C VAL B 56 -12.97 32.09 -17.83
N GLU B 57 -13.28 33.06 -16.97
CA GLU B 57 -12.46 34.28 -16.91
C GLU B 57 -11.03 33.97 -16.53
N ASP B 58 -10.83 33.17 -15.46
CA ASP B 58 -9.49 32.80 -15.02
C ASP B 58 -8.75 32.02 -16.10
N LEU B 59 -9.40 31.01 -16.69
CA LEU B 59 -8.70 30.22 -17.70
C LEU B 59 -8.30 31.08 -18.90
N ARG B 60 -9.20 31.97 -19.34
CA ARG B 60 -8.88 32.80 -20.50
C ARG B 60 -7.72 33.75 -20.22
N GLY B 61 -7.54 34.16 -18.97
CA GLY B 61 -6.44 35.04 -18.63
C GLY B 61 -5.17 34.35 -18.17
N TYR B 62 -5.11 33.02 -18.25
CA TYR B 62 -4.08 32.27 -17.54
C TYR B 62 -2.68 32.55 -18.06
N ALA B 63 -2.54 32.88 -19.34
CA ALA B 63 -1.20 33.12 -19.90
C ALA B 63 -0.54 34.34 -19.27
N SER B 64 -1.31 35.33 -18.87
CA SER B 64 -0.69 36.48 -18.23
C SER B 64 -0.78 36.44 -16.71
N GLU B 65 -1.82 35.81 -16.15
CA GLU B 65 -1.95 35.64 -14.71
C GLU B 65 -2.25 34.17 -14.42
N PRO B 66 -1.24 33.38 -14.12
CA PRO B 66 -1.42 31.94 -13.82
C PRO B 66 -1.93 31.74 -12.40
N ARG B 67 -3.18 32.15 -12.20
CA ARG B 67 -3.91 32.00 -10.95
C ARG B 67 -5.37 31.79 -11.30
N LEU B 68 -6.10 31.19 -10.37
CA LEU B 68 -7.55 31.06 -10.53
C LEU B 68 -8.24 32.00 -9.55
N ALA B 69 -7.97 33.30 -9.69
CA ALA B 69 -8.34 34.26 -8.66
C ALA B 69 -9.85 34.45 -8.57
N ALA B 70 -10.55 34.52 -9.71
CA ALA B 70 -11.99 34.73 -9.67
C ALA B 70 -12.71 33.54 -9.06
N VAL B 71 -12.29 32.33 -9.45
CA VAL B 71 -12.86 31.10 -8.87
C VAL B 71 -12.62 31.07 -7.37
N LYS B 72 -11.38 31.33 -6.96
CA LYS B 72 -11.07 31.24 -5.54
C LYS B 72 -11.78 32.33 -4.75
N ALA B 73 -12.01 33.50 -5.36
CA ALA B 73 -12.76 34.54 -4.66
C ALA B 73 -14.21 34.12 -4.45
N HIS B 74 -14.84 33.57 -5.49
CA HIS B 74 -16.19 33.02 -5.35
C HIS B 74 -16.25 31.98 -4.22
N ILE B 75 -15.32 31.02 -4.23
CA ILE B 75 -15.35 29.94 -3.25
C ILE B 75 -15.09 30.46 -1.85
N ASN B 76 -14.05 31.28 -1.68
CA ASN B 76 -13.67 31.76 -0.36
C ASN B 76 -14.74 32.67 0.23
N GLU B 77 -15.51 33.37 -0.61
CA GLU B 77 -16.57 34.24 -0.12
C GLU B 77 -17.88 33.49 0.09
N GLU B 78 -17.92 32.20 -0.25
CA GLU B 78 -19.11 31.39 -0.13
C GLU B 78 -20.29 32.10 -0.80
N ARG B 79 -20.05 32.56 -2.03
CA ARG B 79 -21.11 33.21 -2.80
C ARG B 79 -22.28 32.27 -3.06
N ASP B 80 -22.00 30.97 -3.14
CA ASP B 80 -22.97 29.90 -3.11
C ASP B 80 -22.23 28.65 -2.67
N GLN B 81 -22.90 27.51 -2.71
CA GLN B 81 -22.29 26.28 -2.20
C GLN B 81 -21.82 25.37 -3.32
N HIS B 82 -21.37 25.95 -4.43
CA HIS B 82 -20.87 25.20 -5.58
C HIS B 82 -19.37 25.38 -5.67
N ILE B 83 -18.66 24.31 -6.02
CA ILE B 83 -17.22 24.36 -6.28
C ILE B 83 -17.01 23.82 -7.68
N PHE B 84 -16.28 24.57 -8.51
CA PHE B 84 -16.04 24.20 -9.90
C PHE B 84 -14.67 24.72 -10.27
N SER B 85 -13.80 23.84 -10.79
CA SER B 85 -12.48 24.32 -11.16
C SER B 85 -11.76 23.25 -11.97
N LEU B 86 -10.52 23.57 -12.33
CA LEU B 86 -9.62 22.65 -13.01
C LEU B 86 -8.49 22.32 -12.03
N PHE B 87 -8.32 21.03 -11.73
CA PHE B 87 -7.49 20.59 -10.62
C PHE B 87 -6.26 19.83 -11.11
N ASP B 88 -5.22 19.88 -10.29
CA ASP B 88 -3.99 19.13 -10.52
C ASP B 88 -3.39 18.84 -9.13
N ALA B 89 -3.86 17.77 -8.51
CA ALA B 89 -3.44 17.36 -7.18
C ALA B 89 -2.87 15.95 -7.30
N SER B 90 -1.54 15.82 -7.14
CA SER B 90 -0.92 14.53 -7.44
C SER B 90 -1.48 13.41 -6.57
N TYR B 91 -1.88 13.70 -5.32
CA TYR B 91 -2.44 12.69 -4.43
C TYR B 91 -3.94 12.48 -4.62
N PHE B 92 -4.62 13.33 -5.40
CA PHE B 92 -6.01 13.12 -5.80
C PHE B 92 -6.04 12.99 -7.32
N PRO B 93 -5.45 11.94 -7.88
CA PRO B 93 -5.31 11.87 -9.34
C PRO B 93 -6.64 11.84 -10.10
N SER B 94 -7.76 11.50 -9.45
CA SER B 94 -9.02 11.45 -10.17
C SER B 94 -9.55 12.84 -10.54
N LEU B 95 -9.00 13.91 -9.97
CA LEU B 95 -9.54 15.26 -10.19
C LEU B 95 -8.96 15.91 -11.44
N SER B 96 -9.81 16.28 -12.39
CA SER B 96 -9.37 17.18 -13.46
C SER B 96 -10.36 18.36 -13.51
N LEU B 97 -11.28 18.38 -14.44
CA LEU B 97 -12.38 19.36 -14.41
C LEU B 97 -13.50 18.78 -13.54
N GLU B 98 -13.83 19.46 -12.45
CA GLU B 98 -14.73 18.85 -11.46
C GLU B 98 -15.67 19.88 -10.88
N TYR B 99 -16.84 19.42 -10.47
CA TYR B 99 -17.91 20.27 -9.94
C TYR B 99 -18.54 19.56 -8.76
N LEU B 100 -18.88 20.29 -7.69
CA LEU B 100 -19.66 19.70 -6.62
C LEU B 100 -20.54 20.77 -5.98
N THR B 101 -21.58 20.30 -5.30
CA THR B 101 -22.39 21.13 -4.42
C THR B 101 -22.29 20.57 -3.02
N TYR B 102 -22.25 21.45 -2.01
CA TYR B 102 -22.04 21.00 -0.65
C TYR B 102 -23.07 21.65 0.26
N GLU B 103 -23.11 21.12 1.47
CA GLU B 103 -23.92 21.65 2.54
C GLU B 103 -23.05 21.77 3.78
N THR B 104 -23.20 22.89 4.48
CA THR B 104 -22.42 23.13 5.68
C THR B 104 -23.08 22.46 6.89
N LEU B 105 -22.34 22.40 7.98
CA LEU B 105 -22.71 21.63 9.14
C LEU B 105 -22.73 22.53 10.37
N PRO B 106 -23.45 22.14 11.40
CA PRO B 106 -23.46 22.94 12.63
C PRO B 106 -22.06 23.09 13.21
N THR B 107 -21.81 24.25 13.82
CA THR B 107 -20.52 24.61 14.36
C THR B 107 -20.68 25.06 15.80
N ASN B 108 -19.80 24.59 16.66
CA ASN B 108 -19.80 25.11 18.03
C ASN B 108 -19.07 26.44 18.09
N PRO B 109 -19.69 27.49 18.62
CA PRO B 109 -19.03 28.81 18.64
C PRO B 109 -17.67 28.81 19.32
N HIS B 110 -17.52 28.21 20.50
CA HIS B 110 -16.21 28.27 21.15
C HIS B 110 -15.16 27.59 20.30
N LEU B 111 -15.48 26.40 19.79
CA LEU B 111 -14.53 25.67 18.96
C LEU B 111 -14.07 26.52 17.78
N ALA B 112 -15.02 27.11 17.06
CA ALA B 112 -14.66 27.91 15.89
C ALA B 112 -13.89 29.18 16.26
N ALA B 113 -14.11 29.74 17.46
CA ALA B 113 -13.41 30.95 17.85
C ALA B 113 -12.02 30.66 18.41
N ARG B 114 -11.93 29.77 19.40
CA ARG B 114 -10.67 29.51 20.08
C ARG B 114 -9.69 28.74 19.19
N TYR B 115 -10.20 27.86 18.33
CA TYR B 115 -9.33 27.04 17.49
C TYR B 115 -9.60 27.38 16.03
N ALA B 116 -9.57 28.67 15.72
CA ALA B 116 -10.02 29.15 14.43
C ALA B 116 -9.06 28.76 13.32
N SER B 117 -9.63 28.42 12.16
CA SER B 117 -8.91 28.15 10.93
C SER B 117 -9.90 28.26 9.79
N PRO B 118 -9.42 28.40 8.57
CA PRO B 118 -10.34 28.49 7.42
C PRO B 118 -10.88 27.13 6.97
N THR B 119 -11.27 26.30 7.92
CA THR B 119 -11.73 24.96 7.63
C THR B 119 -13.24 24.90 7.42
N MET B 120 -13.63 24.16 6.39
CA MET B 120 -15.03 23.95 5.99
C MET B 120 -15.36 22.46 6.03
N PRO B 121 -15.84 21.93 7.15
CA PRO B 121 -16.42 20.58 7.14
C PRO B 121 -17.77 20.61 6.46
N VAL B 122 -17.91 19.87 5.37
CA VAL B 122 -19.14 19.91 4.57
C VAL B 122 -19.51 18.50 4.17
N ASN B 123 -20.75 18.33 3.75
CA ASN B 123 -21.20 17.15 3.02
C ASN B 123 -21.33 17.44 1.55
N ILE B 124 -20.84 16.52 0.72
CA ILE B 124 -21.08 16.60 -0.71
C ILE B 124 -22.50 16.15 -1.01
N ILE B 125 -23.26 17.01 -1.67
CA ILE B 125 -24.62 16.66 -2.10
C ILE B 125 -24.62 16.04 -3.49
N ALA B 126 -23.95 16.68 -4.45
CA ALA B 126 -23.86 16.19 -5.82
C ALA B 126 -22.48 16.49 -6.33
N SER B 127 -21.96 15.64 -7.22
CA SER B 127 -20.62 15.92 -7.70
C SER B 127 -20.34 15.20 -8.99
N SER B 128 -19.40 15.75 -9.75
CA SER B 128 -18.81 15.09 -10.91
C SER B 128 -17.99 13.85 -10.49
N LYS B 129 -17.58 13.10 -11.52
CA LYS B 129 -17.01 11.78 -11.29
C LYS B 129 -15.74 11.82 -10.45
N GLY B 130 -14.88 12.81 -10.68
CA GLY B 130 -13.62 12.85 -9.97
C GLY B 130 -13.81 12.91 -8.46
N PHE B 131 -14.79 13.69 -8.01
CA PHE B 131 -15.06 13.83 -6.58
C PHE B 131 -15.73 12.62 -5.98
N GLN B 132 -16.07 11.60 -6.78
CA GLN B 132 -16.71 10.41 -6.24
C GLN B 132 -15.72 9.36 -5.82
N SER B 133 -14.44 9.56 -6.15
CA SER B 133 -13.39 8.65 -5.72
C SER B 133 -13.27 8.63 -4.21
N ARG B 134 -13.15 7.42 -3.64
CA ARG B 134 -12.98 7.32 -2.20
C ARG B 134 -11.72 8.02 -1.72
N VAL B 135 -10.72 8.15 -2.59
CA VAL B 135 -9.49 8.79 -2.21
C VAL B 135 -9.70 10.26 -1.85
N VAL B 136 -10.71 10.91 -2.44
CA VAL B 136 -10.78 12.36 -2.39
C VAL B 136 -11.65 12.72 -1.18
N VAL B 137 -11.00 12.90 -0.02
CA VAL B 137 -11.71 13.18 1.21
C VAL B 137 -11.67 14.64 1.58
N ALA B 138 -10.93 15.46 0.83
CA ALA B 138 -10.79 16.87 1.17
C ALA B 138 -10.41 17.61 -0.10
N LEU B 139 -10.38 18.94 0.00
CA LEU B 139 -9.97 19.76 -1.13
C LEU B 139 -9.17 20.93 -0.60
N PHE B 140 -7.94 21.05 -1.05
CA PHE B 140 -7.04 22.08 -0.57
C PHE B 140 -6.80 23.14 -1.64
N PRO B 141 -6.50 24.37 -1.25
CA PRO B 141 -6.42 25.44 -2.25
C PRO B 141 -5.37 25.19 -3.29
N GLU B 142 -4.24 24.61 -2.90
CA GLU B 142 -3.18 24.35 -3.87
C GLU B 142 -3.54 23.21 -4.82
N ASN B 143 -4.68 22.55 -4.63
CA ASN B 143 -5.09 21.50 -5.56
C ASN B 143 -5.59 22.05 -6.90
N HIS B 144 -5.96 23.33 -6.97
CA HIS B 144 -6.31 23.95 -8.25
C HIS B 144 -5.06 24.03 -9.12
N ILE B 145 -5.25 24.17 -10.44
CA ILE B 145 -4.06 24.09 -11.31
C ILE B 145 -3.04 25.18 -11.00
N ASP B 146 -3.44 26.29 -10.40
CA ASP B 146 -2.42 27.31 -10.10
C ASP B 146 -1.48 26.88 -8.99
N GLY B 147 -1.86 25.90 -8.17
CA GLY B 147 -0.95 25.39 -7.15
C GLY B 147 -0.67 26.33 -5.99
N ILE B 148 -1.47 27.37 -5.82
CA ILE B 148 -1.22 28.40 -4.82
C ILE B 148 -2.16 28.20 -3.64
N GLN B 149 -1.62 28.37 -2.44
CA GLN B 149 -2.39 28.35 -1.20
C GLN B 149 -2.06 29.61 -0.42
N ARG B 150 -3.10 30.22 0.15
CA ARG B 150 -2.95 31.34 1.06
C ARG B 150 -3.50 30.93 2.42
N GLY B 151 -2.94 31.53 3.47
CA GLY B 151 -3.29 31.15 4.82
C GLY B 151 -4.77 31.27 5.14
N ASP B 152 -5.49 32.15 4.43
CA ASP B 152 -6.91 32.33 4.67
C ASP B 152 -7.80 31.65 3.63
N ASP B 153 -7.23 30.97 2.63
CA ASP B 153 -8.05 30.20 1.71
C ASP B 153 -8.83 29.13 2.46
N LEU B 154 -10.08 28.90 2.05
CA LEU B 154 -10.87 27.84 2.65
C LEU B 154 -10.36 26.47 2.25
N ILE B 155 -10.37 25.56 3.22
CA ILE B 155 -10.00 24.16 3.04
C ILE B 155 -11.24 23.33 3.32
N PHE B 156 -11.61 22.44 2.39
CA PHE B 156 -12.83 21.65 2.55
C PHE B 156 -12.52 20.24 2.97
N TYR B 157 -13.32 19.71 3.88
CA TYR B 157 -13.29 18.30 4.27
C TYR B 157 -14.67 17.71 4.00
N PHE B 158 -14.69 16.55 3.37
CA PHE B 158 -15.96 15.92 2.98
C PHE B 158 -16.37 14.92 4.07
N ILE B 159 -17.14 15.43 5.05
CA ILE B 159 -17.42 14.67 6.25
C ILE B 159 -18.22 13.42 5.92
N ASN B 160 -19.09 13.50 4.91
CA ASN B 160 -19.86 12.31 4.54
C ASN B 160 -18.92 11.16 4.24
N LYS B 161 -17.73 11.43 3.71
CA LYS B 161 -16.83 10.32 3.39
C LYS B 161 -16.18 9.76 4.64
N PHE B 162 -15.96 10.60 5.67
CA PHE B 162 -15.40 10.08 6.92
C PHE B 162 -16.44 9.30 7.71
N VAL B 163 -17.71 9.70 7.64
CA VAL B 163 -18.77 8.90 8.25
C VAL B 163 -18.81 7.52 7.61
N GLU B 164 -18.74 7.48 6.28
CA GLU B 164 -18.75 6.21 5.58
C GLU B 164 -17.60 5.31 6.00
N ARG B 165 -16.39 5.89 6.12
CA ARG B 165 -15.20 5.13 6.48
C ARG B 165 -15.29 4.65 7.93
N HIS B 166 -15.88 5.46 8.80
CA HIS B 166 -16.08 5.04 10.17
C HIS B 166 -17.03 3.84 10.23
N ASN B 167 -18.11 3.88 9.46
CA ASN B 167 -19.10 2.80 9.55
C ASN B 167 -18.60 1.53 8.89
N ARG B 168 -17.74 1.64 7.88
CA ARG B 168 -17.25 0.48 7.14
C ARG B 168 -16.07 -0.21 7.83
N ILE B 169 -15.17 0.56 8.48
CA ILE B 169 -13.93 0.02 9.00
C ILE B 169 -13.89 0.16 10.52
N THR B 170 -13.97 1.40 11.01
CA THR B 170 -13.74 1.60 12.44
C THR B 170 -14.72 0.83 13.28
N ARG B 171 -16.01 0.83 12.92
CA ARG B 171 -17.01 0.16 13.74
C ARG B 171 -16.70 -1.33 13.87
N LYS B 172 -16.44 -2.02 12.77
CA LYS B 172 -16.18 -3.44 12.98
C LYS B 172 -14.84 -3.68 13.68
N MET B 173 -13.88 -2.75 13.55
CA MET B 173 -12.67 -2.91 14.35
C MET B 173 -12.93 -2.68 15.83
N ILE B 174 -13.76 -1.69 16.20
CA ILE B 174 -14.08 -1.50 17.61
C ILE B 174 -14.63 -2.79 18.19
N ASP B 175 -15.57 -3.43 17.46
CA ASP B 175 -16.18 -4.66 17.94
C ASP B 175 -15.16 -5.77 18.14
N ALA B 176 -14.19 -5.88 17.23
CA ALA B 176 -13.27 -7.02 17.23
C ALA B 176 -12.04 -6.81 18.09
N VAL B 177 -11.67 -5.56 18.35
CA VAL B 177 -10.31 -5.29 18.82
C VAL B 177 -10.32 -4.64 20.20
N MET B 178 -11.39 -3.92 20.54
CA MET B 178 -11.45 -3.22 21.81
C MET B 178 -12.18 -4.02 22.88
N ALA B 179 -11.71 -3.85 24.11
CA ALA B 179 -12.43 -4.38 25.25
C ALA B 179 -13.83 -3.77 25.31
N GLU B 180 -14.80 -4.56 25.74
CA GLU B 180 -16.16 -4.07 25.88
C GLU B 180 -16.21 -2.80 26.74
N GLY B 181 -17.01 -1.84 26.29
CA GLY B 181 -17.15 -0.56 26.97
C GLY B 181 -16.11 0.50 26.66
N SER B 182 -15.27 0.31 25.63
CA SER B 182 -14.17 1.23 25.38
C SER B 182 -14.63 2.57 24.84
N PHE B 183 -15.59 2.58 23.92
CA PHE B 183 -16.06 3.78 23.24
C PHE B 183 -17.58 3.81 23.35
N PRO B 184 -18.09 4.03 24.57
CA PRO B 184 -19.55 3.92 24.80
C PRO B 184 -20.39 4.93 24.03
N LEU B 185 -19.93 6.17 23.91
CA LEU B 185 -20.69 7.17 23.18
C LEU B 185 -20.79 6.85 21.68
N LEU B 186 -19.79 6.17 21.12
CA LEU B 186 -19.83 5.81 19.70
C LEU B 186 -20.75 4.63 19.42
N ARG B 187 -21.01 3.80 20.42
CA ARG B 187 -21.80 2.59 20.24
C ARG B 187 -23.20 2.93 19.71
N GLY B 188 -23.52 2.41 18.53
CA GLY B 188 -24.78 2.65 17.88
C GLY B 188 -25.04 4.08 17.44
N ALA B 189 -24.04 4.95 17.50
CA ALA B 189 -24.29 6.36 17.22
C ALA B 189 -24.76 6.56 15.77
N ASP B 190 -25.70 7.47 15.59
CA ASP B 190 -26.20 7.62 14.23
C ASP B 190 -25.24 8.47 13.40
N ASP B 191 -25.51 8.55 12.11
CA ASP B 191 -24.55 9.19 11.23
C ASP B 191 -24.38 10.68 11.57
N ARG B 192 -25.44 11.33 12.08
CA ARG B 192 -25.30 12.74 12.43
C ARG B 192 -24.38 12.93 13.63
N THR B 193 -24.37 11.97 14.54
CA THR B 193 -23.46 12.05 15.68
C THR B 193 -22.02 11.85 15.24
N VAL B 194 -21.78 10.87 14.36
CA VAL B 194 -20.42 10.69 13.84
C VAL B 194 -20.02 11.91 13.03
N GLU B 195 -20.96 12.47 12.28
CA GLU B 195 -20.70 13.69 11.52
C GLU B 195 -20.22 14.83 12.42
N GLN B 196 -20.88 15.04 13.56
CA GLN B 196 -20.44 16.09 14.48
C GLN B 196 -19.04 15.83 14.99
N ALA B 197 -18.78 14.58 15.40
CA ALA B 197 -17.47 14.24 15.93
C ALA B 197 -16.39 14.45 14.87
N SER B 198 -16.66 14.01 13.66
CA SER B 198 -15.68 14.14 12.59
C SER B 198 -15.44 15.60 12.24
N SER B 199 -16.49 16.43 12.29
CA SER B 199 -16.28 17.85 12.02
C SER B 199 -15.41 18.51 13.08
N TRP B 200 -15.54 18.10 14.35
CA TRP B 200 -14.63 18.62 15.37
C TRP B 200 -13.20 18.19 15.08
N TRP B 201 -13.02 16.92 14.72
CA TRP B 201 -11.71 16.39 14.40
C TRP B 201 -11.01 17.23 13.33
N VAL B 202 -11.69 17.51 12.22
CA VAL B 202 -10.99 18.22 11.14
C VAL B 202 -10.66 19.64 11.56
N ARG B 203 -11.57 20.28 12.32
CA ARG B 203 -11.31 21.64 12.78
C ARG B 203 -10.10 21.68 13.72
N LEU B 204 -10.01 20.75 14.65
CA LEU B 204 -8.86 20.73 15.56
C LEU B 204 -7.59 20.34 14.80
N HIS B 205 -7.73 19.41 13.85
CA HIS B 205 -6.61 18.96 13.04
C HIS B 205 -5.96 20.13 12.30
N GLU B 206 -6.75 20.89 11.54
CA GLU B 206 -6.17 22.01 10.80
C GLU B 206 -5.59 23.06 11.73
N TYR B 207 -6.27 23.35 12.85
CA TYR B 207 -5.75 24.34 13.78
C TYR B 207 -4.37 23.93 14.30
N HIS B 208 -4.25 22.68 14.77
CA HIS B 208 -2.98 22.32 15.42
C HIS B 208 -1.83 22.14 14.41
N HIS B 209 -2.11 21.86 13.14
CA HIS B 209 -1.03 21.83 12.15
C HIS B 209 -0.27 23.15 12.13
N ARG B 210 -0.94 24.25 12.43
CA ARG B 210 -0.34 25.58 12.38
C ARG B 210 0.31 26.00 13.71
N GLN B 211 0.24 25.17 14.73
CA GLN B 211 0.81 25.45 16.06
C GLN B 211 2.07 24.63 16.30
N GLY B 212 2.86 25.10 17.27
CA GLY B 212 4.06 24.41 17.68
C GLY B 212 5.32 25.01 17.13
N ASP B 213 6.42 24.31 17.35
CA ASP B 213 7.72 24.83 16.95
C ASP B 213 8.10 24.48 15.51
N MET B 214 7.42 23.53 14.87
CA MET B 214 7.65 23.21 13.45
C MET B 214 6.33 23.07 12.73
N PRO B 215 5.56 24.16 12.65
CA PRO B 215 4.24 24.09 12.00
C PRO B 215 4.36 23.90 10.51
N ILE B 216 3.29 23.38 9.91
CA ILE B 216 3.19 23.36 8.45
C ILE B 216 2.20 24.44 8.05
N PRO B 217 2.34 25.07 6.87
CA PRO B 217 3.24 24.67 5.78
C PRO B 217 4.73 25.04 5.95
N GLU B 218 5.11 25.83 6.95
CA GLU B 218 6.49 26.31 7.04
C GLU B 218 7.49 25.16 6.96
N PHE B 219 7.27 24.09 7.73
CA PHE B 219 8.20 22.97 7.75
C PHE B 219 7.67 21.75 7.00
N LEU B 220 6.74 21.97 6.07
CA LEU B 220 6.14 20.86 5.33
C LEU B 220 7.19 20.00 4.63
N ARG B 221 8.20 20.62 4.00
CA ARG B 221 9.11 19.80 3.22
C ARG B 221 9.98 18.91 4.08
N TYR B 222 9.99 19.13 5.39
CA TYR B 222 10.68 18.25 6.33
C TYR B 222 9.76 17.17 6.89
N LYS B 223 8.49 17.20 6.54
CA LYS B 223 7.51 16.30 7.15
C LYS B 223 6.73 15.54 6.09
N LYS B 224 7.38 15.21 4.96
CA LYS B 224 6.73 14.39 3.95
C LYS B 224 7.26 12.95 3.93
N LEU B 225 8.45 12.70 4.46
CA LEU B 225 8.93 11.34 4.68
C LEU B 225 7.88 10.54 5.44
N LYS B 226 7.60 9.31 4.99
CA LYS B 226 6.49 8.52 5.52
C LYS B 226 6.39 8.58 7.05
N PRO B 227 7.42 8.20 7.80
CA PRO B 227 7.27 8.23 9.27
C PRO B 227 7.00 9.62 9.80
N LEU B 228 7.57 10.64 9.16
CA LEU B 228 7.44 11.99 9.67
C LEU B 228 6.10 12.61 9.30
N ALA B 229 5.58 12.31 8.11
CA ALA B 229 4.23 12.77 7.79
C ALA B 229 3.23 12.19 8.77
N GLY B 230 3.35 10.89 9.05
CA GLY B 230 2.48 10.27 10.03
C GLY B 230 2.64 10.87 11.42
N LEU B 231 3.88 11.07 11.85
CA LEU B 231 4.08 11.61 13.20
C LEU B 231 3.47 13.00 13.33
N GLU B 232 3.52 13.80 12.25
CA GLU B 232 2.89 15.12 12.30
C GLU B 232 1.39 15.00 12.40
N GLU B 233 0.79 14.09 11.62
CA GLU B 233 -0.65 13.80 11.77
C GLU B 233 -0.99 13.43 13.21
N LEU B 234 -0.13 12.64 13.82
CA LEU B 234 -0.40 12.17 15.18
C LEU B 234 -0.18 13.27 16.19
N ARG B 235 0.84 14.12 15.99
CA ARG B 235 1.01 15.27 16.86
C ARG B 235 -0.27 16.08 16.95
N VAL B 236 -0.86 16.39 15.80
CA VAL B 236 -2.01 17.26 15.81
C VAL B 236 -3.25 16.54 16.32
N ASP B 237 -3.38 15.23 16.05
CA ASP B 237 -4.59 14.58 16.55
C ASP B 237 -4.51 14.27 18.03
N VAL B 238 -3.32 13.98 18.56
CA VAL B 238 -3.19 13.84 20.01
C VAL B 238 -3.46 15.19 20.66
N SER B 239 -2.98 16.29 20.06
CA SER B 239 -3.33 17.60 20.59
C SER B 239 -4.84 17.78 20.62
N GLY B 240 -5.53 17.35 19.56
CA GLY B 240 -6.97 17.49 19.52
C GLY B 240 -7.67 16.61 20.54
N MET B 241 -7.18 15.38 20.74
CA MET B 241 -7.80 14.58 21.81
C MET B 241 -7.65 15.29 23.15
N LEU B 242 -6.49 15.89 23.42
CA LEU B 242 -6.27 16.50 24.72
C LEU B 242 -7.13 17.76 24.89
N VAL B 243 -7.33 18.53 23.81
CA VAL B 243 -8.26 19.66 23.87
C VAL B 243 -9.65 19.19 24.27
N CYS B 244 -10.11 18.09 23.67
CA CYS B 244 -11.43 17.58 24.01
C CYS B 244 -11.51 17.15 25.45
N LEU B 245 -10.41 16.64 25.99
CA LEU B 245 -10.38 16.24 27.39
C LEU B 245 -10.23 17.42 28.35
N ASN B 246 -9.59 18.52 27.93
CA ASN B 246 -9.11 19.51 28.88
C ASN B 246 -9.76 20.89 28.80
N ASP B 247 -10.32 21.26 27.66
CA ASP B 247 -10.87 22.62 27.50
C ASP B 247 -12.29 22.65 28.04
N PRO B 248 -12.53 23.31 29.19
CA PRO B 248 -13.85 23.22 29.82
C PRO B 248 -14.94 24.02 29.11
N GLU B 249 -14.59 24.94 28.22
CA GLU B 249 -15.59 25.72 27.49
C GLU B 249 -16.16 24.98 26.29
N LEU B 250 -15.69 23.75 26.01
CA LEU B 250 -16.36 22.98 24.98
C LEU B 250 -17.53 22.20 25.59
N PRO B 251 -18.64 22.04 24.87
CA PRO B 251 -19.78 21.29 25.43
C PRO B 251 -19.35 19.87 25.77
N ALA B 252 -19.70 19.42 26.99
CA ALA B 252 -19.12 18.20 27.51
C ALA B 252 -19.50 16.97 26.69
N ASP B 253 -20.76 16.89 26.23
CA ASP B 253 -21.18 15.71 25.48
C ASP B 253 -20.46 15.64 24.14
N GLU B 254 -20.45 16.75 23.40
CA GLU B 254 -19.79 16.77 22.10
C GLU B 254 -18.29 16.54 22.23
N ALA B 255 -17.67 17.07 23.29
CA ALA B 255 -16.23 16.96 23.44
C ALA B 255 -15.82 15.53 23.73
N ARG B 256 -16.57 14.83 24.58
CA ARG B 256 -16.22 13.44 24.85
C ARG B 256 -16.45 12.60 23.60
N LEU B 257 -17.48 12.91 22.83
CA LEU B 257 -17.72 12.18 21.59
C LEU B 257 -16.57 12.37 20.61
N ALA B 258 -16.11 13.62 20.44
CA ALA B 258 -14.98 13.87 19.54
C ALA B 258 -13.72 13.17 20.03
N TYR B 259 -13.49 13.15 21.35
CA TYR B 259 -12.37 12.41 21.89
C TYR B 259 -12.42 10.95 21.46
N GLU B 260 -13.57 10.31 21.67
CA GLU B 260 -13.72 8.89 21.30
C GLU B 260 -13.52 8.70 19.80
N TYR B 261 -14.06 9.61 19.00
CA TYR B 261 -13.90 9.48 17.55
C TYR B 261 -12.42 9.55 17.16
N ILE B 262 -11.73 10.60 17.62
CA ILE B 262 -10.33 10.75 17.19
C ILE B 262 -9.49 9.58 17.69
N LEU B 263 -9.73 9.15 18.94
CA LEU B 263 -8.92 8.06 19.46
C LEU B 263 -9.23 6.75 18.72
N SER B 264 -10.49 6.44 18.50
CA SER B 264 -10.80 5.18 17.80
C SER B 264 -10.25 5.21 16.38
N GLU B 265 -10.29 6.37 15.72
CA GLU B 265 -9.77 6.42 14.35
C GLU B 265 -8.27 6.22 14.34
N ARG B 266 -7.54 6.83 15.27
CA ARG B 266 -6.09 6.75 15.23
C ARG B 266 -5.60 5.42 15.81
N LEU B 267 -6.35 4.83 16.73
CA LEU B 267 -5.93 3.56 17.29
C LEU B 267 -6.31 2.39 16.39
N LEU B 268 -7.32 2.54 15.54
CA LEU B 268 -7.86 1.41 14.79
C LEU B 268 -7.80 1.65 13.28
N ARG B 269 -8.60 2.57 12.75
CA ARG B 269 -8.73 2.66 11.29
C ARG B 269 -7.42 3.05 10.63
N TYR B 270 -6.76 4.09 11.14
CA TYR B 270 -5.50 4.51 10.55
C TYR B 270 -4.39 3.49 10.76
N ALA B 271 -4.50 2.66 11.79
CA ALA B 271 -3.46 1.70 12.13
C ALA B 271 -3.32 0.59 11.10
N VAL B 272 -4.36 0.32 10.31
CA VAL B 272 -4.32 -0.77 9.33
C VAL B 272 -4.25 -0.23 7.89
N GLU B 273 -4.07 1.08 7.71
CA GLU B 273 -3.97 1.65 6.37
C GLU B 273 -2.71 1.20 5.63
N GLY B 274 -2.88 0.84 4.37
CA GLY B 274 -1.77 0.53 3.48
C GLY B 274 -1.56 -0.96 3.24
N ILE B 275 -1.36 -1.34 1.99
CA ILE B 275 -0.99 -2.70 1.60
C ILE B 275 0.07 -2.56 0.52
N PRO B 276 1.15 -3.35 0.52
CA PRO B 276 1.44 -4.33 1.57
C PRO B 276 2.06 -3.73 2.83
N ARG B 277 2.67 -2.54 2.74
CA ARG B 277 3.29 -1.89 3.89
C ARG B 277 2.38 -0.81 4.43
N PRO B 278 2.52 -0.46 5.70
CA PRO B 278 1.73 0.67 6.24
C PRO B 278 2.03 1.96 5.50
N ASN B 279 1.00 2.80 5.35
CA ASN B 279 1.21 4.14 4.84
C ASN B 279 1.65 5.06 5.98
N TYR B 280 1.75 6.37 5.70
CA TYR B 280 2.26 7.28 6.72
C TYR B 280 1.38 7.27 7.98
N ASP B 281 0.06 7.36 7.81
CA ASP B 281 -0.82 7.29 8.97
C ASP B 281 -0.56 6.05 9.81
N ALA B 282 -0.47 4.89 9.16
CA ALA B 282 -0.39 3.64 9.90
C ALA B 282 0.92 3.52 10.66
N VAL B 283 2.04 3.97 10.08
CA VAL B 283 3.28 3.95 10.85
C VAL B 283 3.11 4.71 12.16
N ALA B 284 2.53 5.90 12.10
CA ALA B 284 2.40 6.70 13.31
C ALA B 284 1.41 6.07 14.28
N SER B 285 0.33 5.49 13.77
CA SER B 285 -0.64 4.84 14.65
C SER B 285 -0.04 3.63 15.34
N GLN B 286 0.88 2.93 14.66
CA GLN B 286 1.57 1.80 15.27
C GLN B 286 2.60 2.28 16.29
N LEU B 287 3.24 3.42 16.03
CA LEU B 287 4.04 4.07 17.06
C LEU B 287 3.20 4.37 18.30
N LEU B 288 2.03 4.99 18.11
CA LEU B 288 1.13 5.27 19.22
C LEU B 288 0.78 3.99 19.98
N PHE B 289 0.36 2.95 19.25
CA PHE B 289 -0.03 1.70 19.87
C PHE B 289 1.07 1.16 20.76
N ASN B 290 2.30 1.06 20.21
CA ASN B 290 3.39 0.49 20.98
C ASN B 290 3.83 1.42 22.11
N TYR B 291 3.89 2.73 21.83
CA TYR B 291 4.19 3.67 22.91
C TYR B 291 3.20 3.52 24.07
N LEU B 292 1.90 3.54 23.78
CA LEU B 292 0.91 3.43 24.85
C LEU B 292 1.00 2.09 25.56
N SER B 293 1.30 1.02 24.82
CA SER B 293 1.46 -0.29 25.44
C SER B 293 2.62 -0.28 26.42
N GLU B 294 3.75 0.27 26.01
CA GLU B 294 4.95 0.20 26.82
C GLU B 294 4.98 1.23 27.93
N HIS B 295 4.10 2.24 27.91
CA HIS B 295 4.08 3.29 28.92
C HIS B 295 2.82 3.29 29.77
N GLY B 296 2.01 2.24 29.72
CA GLY B 296 0.90 2.14 30.63
C GLY B 296 -0.37 2.87 30.25
N GLY B 297 -0.56 3.20 28.98
CA GLY B 297 -1.79 3.83 28.54
C GLY B 297 -2.85 2.87 28.06
N ILE B 298 -2.43 1.74 27.48
CA ILE B 298 -3.34 0.66 27.12
C ILE B 298 -2.75 -0.67 27.55
N GLU B 299 -3.62 -1.66 27.69
CA GLU B 299 -3.22 -3.00 28.07
C GLU B 299 -3.89 -3.98 27.11
N LEU B 300 -3.18 -5.06 26.81
CA LEU B 300 -3.69 -6.10 25.91
C LEU B 300 -4.07 -7.30 26.76
N HIS B 301 -5.35 -7.67 26.72
CA HIS B 301 -5.85 -8.85 27.40
C HIS B 301 -6.62 -9.69 26.38
N GLY B 302 -6.20 -10.93 26.20
CA GLY B 302 -6.88 -11.79 25.24
C GLY B 302 -6.94 -11.19 23.85
N GLY B 303 -5.91 -10.44 23.46
CA GLY B 303 -5.85 -9.85 22.14
C GLY B 303 -6.73 -8.64 21.93
N VAL B 304 -7.38 -8.14 22.97
CA VAL B 304 -8.22 -6.96 22.83
C VAL B 304 -7.61 -5.84 23.66
N ILE B 305 -7.82 -4.61 23.20
CA ILE B 305 -7.20 -3.44 23.82
C ILE B 305 -8.09 -2.91 24.92
N ARG B 306 -7.54 -2.78 26.13
CA ARG B 306 -8.16 -2.07 27.25
C ARG B 306 -7.56 -0.68 27.34
N LEU B 307 -8.42 0.34 27.32
CA LEU B 307 -7.96 1.71 27.57
C LEU B 307 -7.79 1.90 29.08
N CYS B 308 -6.59 2.26 29.49
CA CYS B 308 -6.36 2.46 30.91
C CYS B 308 -6.97 3.77 31.37
N PRO B 309 -7.44 3.83 32.61
CA PRO B 309 -7.92 5.12 33.14
C PRO B 309 -6.86 6.20 33.10
N GLU B 310 -5.58 5.80 33.13
CA GLU B 310 -4.45 6.70 33.09
C GLU B 310 -4.13 7.19 31.68
N LEU B 311 -4.88 6.78 30.66
CA LEU B 311 -4.54 7.15 29.30
C LEU B 311 -4.35 8.64 29.09
N PRO B 312 -5.20 9.53 29.61
CA PRO B 312 -4.96 10.96 29.36
C PRO B 312 -3.57 11.42 29.80
N ALA B 313 -3.07 10.91 30.93
CA ALA B 313 -1.73 11.27 31.37
C ALA B 313 -0.66 10.73 30.41
N VAL B 314 -0.85 9.54 29.86
CA VAL B 314 0.15 8.98 28.95
C VAL B 314 0.09 9.71 27.61
N LEU B 315 -1.10 10.12 27.16
CA LEU B 315 -1.20 10.92 25.94
C LEU B 315 -0.50 12.26 26.11
N THR B 316 -0.62 12.86 27.29
CA THR B 316 0.10 14.10 27.57
C THR B 316 1.61 13.87 27.55
N GLU B 317 2.07 12.75 28.14
CA GLU B 317 3.48 12.37 28.07
C GLU B 317 3.95 12.26 26.62
N PHE B 318 3.13 11.60 25.80
CA PHE B 318 3.50 11.36 24.40
C PHE B 318 3.64 12.68 23.65
N LEU B 319 2.64 13.56 23.79
CA LEU B 319 2.70 14.83 23.07
C LEU B 319 3.84 15.69 23.59
N ASP B 320 4.06 15.67 24.91
CA ASP B 320 5.23 16.37 25.46
C ASP B 320 6.53 15.86 24.87
N ARG B 321 6.65 14.53 24.67
CA ARG B 321 7.87 13.98 24.12
C ARG B 321 8.10 14.50 22.70
N ILE B 322 7.07 14.46 21.87
CA ILE B 322 7.20 14.97 20.50
C ILE B 322 7.60 16.44 20.55
N GLN B 323 7.00 17.21 21.45
CA GLN B 323 7.28 18.63 21.52
C GLN B 323 8.70 18.91 22.01
N ARG B 324 9.22 18.05 22.88
CA ARG B 324 10.63 18.20 23.32
C ARG B 324 11.57 18.02 22.11
N ILE B 325 11.25 17.07 21.24
CA ILE B 325 12.10 16.82 20.08
C ILE B 325 12.04 18.02 19.13
N GLU B 326 10.83 18.49 18.83
CA GLU B 326 10.66 19.61 17.89
C GLU B 326 11.23 20.91 18.44
N GLN B 327 11.22 21.09 19.76
CA GLN B 327 11.69 22.35 20.35
C GLN B 327 13.15 22.63 20.02
N ARG B 328 13.93 21.59 19.78
CA ARG B 328 15.33 21.84 19.47
C ARG B 328 15.55 22.43 18.09
N ILE B 329 14.50 22.67 17.31
CA ILE B 329 14.64 23.44 16.08
C ILE B 329 15.29 24.80 16.38
N HIS B 330 15.15 25.28 17.61
CA HIS B 330 15.73 26.58 17.96
C HIS B 330 17.25 26.53 18.18
N THR B 331 17.84 25.35 18.33
CA THR B 331 19.28 25.24 18.53
C THR B 331 19.97 24.27 17.58
N THR B 332 19.23 23.55 16.75
CA THR B 332 19.78 22.58 15.83
C THR B 332 19.04 22.71 14.51
N SER B 333 19.55 22.02 13.49
CA SER B 333 18.98 22.10 12.16
C SER B 333 17.68 21.30 12.06
N ALA B 334 16.87 21.67 11.07
CA ALA B 334 15.69 20.87 10.76
C ALA B 334 16.07 19.41 10.53
N GLU B 335 17.20 19.18 9.86
CA GLU B 335 17.62 17.82 9.55
C GLU B 335 18.01 17.07 10.81
N GLU B 336 18.61 17.77 11.78
CA GLU B 336 18.91 17.10 13.04
C GLU B 336 17.64 16.73 13.77
N VAL B 337 16.64 17.62 13.75
CA VAL B 337 15.35 17.29 14.35
C VAL B 337 14.73 16.09 13.66
N GLN B 338 14.74 16.06 12.32
CA GLN B 338 14.21 14.91 11.59
C GLN B 338 14.81 13.60 12.08
N GLN B 339 16.15 13.54 12.20
CA GLN B 339 16.77 12.29 12.62
C GLN B 339 16.29 11.87 13.99
N ASN B 340 16.04 12.83 14.87
CA ASN B 340 15.56 12.52 16.21
C ASN B 340 14.10 12.09 16.21
N LEU B 341 13.29 12.63 15.31
CA LEU B 341 11.91 12.14 15.16
C LEU B 341 11.90 10.73 14.58
N LEU B 342 12.81 10.43 13.64
CA LEU B 342 12.90 9.08 13.09
C LEU B 342 13.35 8.08 14.14
N GLU B 343 14.31 8.47 14.96
CA GLU B 343 14.81 7.57 15.99
C GLU B 343 13.71 7.23 16.99
N PHE B 344 12.92 8.25 17.37
CA PHE B 344 11.76 8.02 18.22
C PHE B 344 10.77 7.07 17.54
N THR B 345 10.42 7.36 16.28
CA THR B 345 9.46 6.52 15.57
C THR B 345 9.92 5.07 15.56
N ASN B 346 11.20 4.86 15.24
CA ASN B 346 11.66 3.52 14.99
C ASN B 346 11.76 2.68 16.25
N ARG B 347 11.82 3.32 17.42
CA ARG B 347 11.83 2.58 18.66
C ARG B 347 10.52 1.83 18.86
N TYR B 348 9.43 2.31 18.25
CA TYR B 348 8.10 1.78 18.51
C TYR B 348 7.40 1.24 17.26
N THR B 349 8.14 1.02 16.17
CA THR B 349 7.55 0.50 14.94
C THR B 349 8.48 -0.57 14.38
N ASP B 350 8.02 -1.24 13.33
CA ASP B 350 8.79 -2.30 12.68
C ASP B 350 9.48 -1.72 11.45
N TYR B 351 10.71 -1.24 11.64
CA TYR B 351 11.48 -0.60 10.57
C TYR B 351 12.48 -1.60 10.00
N ASP B 352 12.47 -1.74 8.67
CA ASP B 352 13.40 -2.61 7.97
C ASP B 352 14.57 -1.77 7.46
N PRO B 353 15.77 -1.86 8.03
CA PRO B 353 16.85 -0.95 7.61
C PRO B 353 17.38 -1.21 6.21
N ASP B 354 17.29 -2.44 5.69
CA ASP B 354 17.77 -2.68 4.33
C ASP B 354 16.78 -2.17 3.30
N ALA B 355 15.48 -2.36 3.53
CA ALA B 355 14.50 -1.77 2.62
C ALA B 355 14.26 -0.28 2.89
N LYS B 356 14.70 0.24 4.04
CA LYS B 356 14.41 1.62 4.45
C LYS B 356 12.91 1.88 4.40
N ASP B 357 12.16 0.99 5.02
CA ASP B 357 10.71 1.12 5.01
C ASP B 357 10.15 0.26 6.13
N TYR B 358 8.85 0.33 6.33
CA TYR B 358 8.21 -0.24 7.50
C TYR B 358 7.31 -1.41 7.10
N ARG B 359 7.09 -2.29 8.06
CA ARG B 359 6.17 -3.42 7.94
C ARG B 359 5.09 -3.23 8.99
N HIS B 360 3.88 -3.69 8.69
CA HIS B 360 2.85 -3.65 9.71
C HIS B 360 3.30 -4.45 10.92
N ILE B 361 3.12 -3.91 12.13
CA ILE B 361 3.47 -4.67 13.33
C ILE B 361 2.56 -5.90 13.41
N PRO B 362 3.01 -6.99 14.02
CA PRO B 362 2.21 -8.24 13.96
C PRO B 362 0.80 -8.08 14.50
N PHE B 363 0.57 -7.26 15.53
CA PHE B 363 -0.77 -7.09 16.06
C PHE B 363 -1.76 -6.67 14.98
N PHE B 364 -1.38 -5.68 14.18
CA PHE B 364 -2.29 -5.17 13.16
C PHE B 364 -2.22 -5.97 11.87
N ALA B 365 -1.10 -6.63 11.58
CA ALA B 365 -1.08 -7.57 10.47
C ALA B 365 -2.12 -8.66 10.68
N GLU B 366 -2.24 -9.16 11.91
CA GLU B 366 -3.19 -10.24 12.17
C GLU B 366 -4.63 -9.73 12.03
N ILE B 367 -4.87 -8.49 12.46
CA ILE B 367 -6.22 -7.92 12.33
C ILE B 367 -6.58 -7.67 10.87
N LYS B 368 -5.62 -7.20 10.07
CA LYS B 368 -5.89 -7.03 8.63
C LYS B 368 -6.31 -8.36 8.00
N GLU B 369 -5.61 -9.44 8.33
CA GLU B 369 -5.97 -10.75 7.83
C GLU B 369 -7.34 -11.21 8.33
N ARG B 370 -7.61 -11.03 9.63
CA ARG B 370 -8.88 -11.49 10.21
C ARG B 370 -10.08 -10.75 9.63
N LEU B 371 -10.01 -9.43 9.59
CA LEU B 371 -11.19 -8.62 9.27
C LEU B 371 -11.21 -8.15 7.84
N GLY B 372 -10.13 -8.37 7.09
CA GLY B 372 -10.05 -7.89 5.73
C GLY B 372 -10.01 -6.37 5.66
N VAL B 373 -9.17 -5.75 6.50
CA VAL B 373 -9.05 -4.30 6.55
C VAL B 373 -7.60 -3.93 6.26
FE FE2 C . 12.06 -12.61 -7.10
N1 H4B D . 14.90 -14.74 -3.13
C2 H4B D . 14.57 -15.92 -3.95
N2 H4B D . 15.15 -17.18 -3.70
N3 H4B D . 13.58 -15.81 -5.07
C4 H4B D . 12.97 -14.56 -5.39
O4 H4B D . 12.21 -14.56 -6.31
C4A H4B D . 13.31 -13.34 -4.59
C8A H4B D . 14.28 -13.46 -3.43
N5 H4B D . 12.70 -12.14 -4.77
N8 H4B D . 14.62 -12.38 -2.64
C6 H4B D . 13.55 -10.91 -4.33
C7 H4B D . 13.88 -11.01 -3.02
C9 H4B D . 12.69 -9.61 -4.62
O9 H4B D . 11.72 -9.46 -3.67
C10 H4B D . 13.61 -8.37 -4.68
C11 H4B D . 14.68 -8.58 -5.75
O10 H4B D . 14.21 -8.13 -3.43
HN21 H4B D . 15.81 -17.30 -2.94
HN22 H4B D . 14.90 -17.95 -4.26
HN3 H4B D . 13.36 -16.64 -5.61
HN5 H4B D . 11.72 -12.10 -4.60
HN8 H4B D . 15.58 -12.32 -2.35
H6 H4B D . 14.47 -10.81 -4.91
H71 H4B D . 14.53 -10.19 -2.75
H72 H4B D . 12.96 -10.95 -2.43
H9 H4B D . 12.19 -9.72 -5.59
HO9 H4B D . 11.95 -8.75 -3.08
H10 H4B D . 13.01 -7.51 -4.93
H111 H4B D . 15.56 -9.07 -5.30
H112 H4B D . 14.28 -9.22 -6.55
H113 H4B D . 14.98 -7.61 -6.17
HO0 H4B D . 15.14 -8.30 -3.49
FE FE2 E . -3.06 16.70 8.29
N1 H4B F . -1.90 20.61 4.91
C2 H4B F . -3.16 21.11 5.50
N2 H4B F . -3.62 22.43 5.25
N3 H4B F . -3.99 20.21 6.35
C4 H4B F . -3.57 18.86 6.63
O4 H4B F . -4.26 18.21 7.34
C4A H4B F . -2.28 18.35 6.05
C8A H4B F . -1.46 19.26 5.15
N5 H4B F . -1.85 17.09 6.19
N8 H4B F . -0.27 18.87 4.57
C6 H4B F . -0.28 16.91 6.06
C7 H4B F . 0.17 17.37 4.86
C9 H4B F . 0.05 15.37 6.22
O9 H4B F . -0.21 14.69 5.06
C10 H4B F . 1.53 15.15 6.64
C11 H4B F . 1.83 15.88 7.97
O10 H4B F . 2.43 15.63 5.65
HN21 H4B F . -3.07 23.05 4.68
HN22 H4B F . -4.45 22.75 5.66
HN3 H4B F . -4.86 20.55 6.75
HN5 H4B F . -2.42 16.36 5.83
HN8 H4B F . 0.46 19.56 4.51
H6 H4B F . 0.22 17.44 6.86
H71 H4B F . 1.26 17.32 4.87
H72 H4B F . -0.21 16.73 4.08
H9 H4B F . -0.58 14.96 7.01
HO9 H4B F . -1.16 14.73 4.87
H10 H4B F . 1.68 14.09 6.77
H111 H4B F . 0.90 15.96 8.55
H112 H4B F . 2.58 15.31 8.54
H113 H4B F . 2.22 16.89 7.75
HO0 H4B F . 2.13 15.34 4.79
#